data_2ZRR
# 
_entry.id   2ZRR 
# 
_audit_conform.dict_name       mmcif_pdbx.dic 
_audit_conform.dict_version    5.388 
_audit_conform.dict_location   http://mmcif.pdb.org/dictionaries/ascii/mmcif_pdbx.dic 
# 
loop_
_database_2.database_id 
_database_2.database_code 
_database_2.pdbx_database_accession 
_database_2.pdbx_DOI 
PDB   2ZRR         pdb_00002zrr 10.2210/pdb2zrr/pdb 
RCSB  RCSB028343   ?            ?                   
WWPDB D_1000028343 ?            ?                   
# 
loop_
_pdbx_audit_revision_history.ordinal 
_pdbx_audit_revision_history.data_content_type 
_pdbx_audit_revision_history.major_revision 
_pdbx_audit_revision_history.minor_revision 
_pdbx_audit_revision_history.revision_date 
1 'Structure model' 1 0 2009-02-17 
2 'Structure model' 1 1 2011-07-13 
3 'Structure model' 1 2 2024-03-13 
# 
_pdbx_audit_revision_details.ordinal             1 
_pdbx_audit_revision_details.revision_ordinal    1 
_pdbx_audit_revision_details.data_content_type   'Structure model' 
_pdbx_audit_revision_details.provider            repository 
_pdbx_audit_revision_details.type                'Initial release' 
_pdbx_audit_revision_details.description         ? 
_pdbx_audit_revision_details.details             ? 
# 
loop_
_pdbx_audit_revision_group.ordinal 
_pdbx_audit_revision_group.revision_ordinal 
_pdbx_audit_revision_group.data_content_type 
_pdbx_audit_revision_group.group 
1 2 'Structure model' 'Version format compliance' 
2 3 'Structure model' 'Data collection'           
3 3 'Structure model' 'Database references'       
# 
loop_
_pdbx_audit_revision_category.ordinal 
_pdbx_audit_revision_category.revision_ordinal 
_pdbx_audit_revision_category.data_content_type 
_pdbx_audit_revision_category.category 
1 3 'Structure model' chem_comp_atom     
2 3 'Structure model' chem_comp_bond     
3 3 'Structure model' database_2         
4 3 'Structure model' struct_ref_seq_dif 
# 
loop_
_pdbx_audit_revision_item.ordinal 
_pdbx_audit_revision_item.revision_ordinal 
_pdbx_audit_revision_item.data_content_type 
_pdbx_audit_revision_item.item 
1 3 'Structure model' '_database_2.pdbx_DOI'                
2 3 'Structure model' '_database_2.pdbx_database_accession' 
3 3 'Structure model' '_struct_ref_seq_dif.details'         
# 
_pdbx_database_status.status_code                     REL 
_pdbx_database_status.entry_id                        2ZRR 
_pdbx_database_status.recvd_initial_deposition_date   2008-08-30 
_pdbx_database_status.deposit_site                    PDBJ 
_pdbx_database_status.process_site                    PDBJ 
_pdbx_database_status.status_code_sf                  REL 
_pdbx_database_status.status_code_mr                  ? 
_pdbx_database_status.SG_entry                        ? 
_pdbx_database_status.pdb_format_compatible           Y 
_pdbx_database_status.status_code_cs                  ? 
_pdbx_database_status.status_code_nmr_data            ? 
_pdbx_database_status.methods_development_category    ? 
# 
loop_
_audit_author.name 
_audit_author.pdbx_ordinal 
'Jeon, H.J.'   1 
'Noda, M.'     2 
'Matoba, Y.'   3 
'Kumagai, T.'  4 
'Sugiyama, M.' 5 
# 
_citation.id                        primary 
_citation.title                     'Crystal structure and mutagenic analysis of a bacteriocin immunity protein, Mun-im' 
_citation.journal_abbrev            Biochem.Biophys.Res.Commun. 
_citation.journal_volume            378 
_citation.page_first                574 
_citation.page_last                 578 
_citation.year                      2009 
_citation.journal_id_ASTM           BBRCA9 
_citation.country                   US 
_citation.journal_id_ISSN           0006-291X 
_citation.journal_id_CSD            0146 
_citation.book_publisher            ? 
_citation.pdbx_database_id_PubMed   19061861 
_citation.pdbx_database_id_DOI      10.1016/j.bbrc.2008.11.093 
# 
loop_
_citation_author.citation_id 
_citation_author.name 
_citation_author.ordinal 
_citation_author.identifier_ORCID 
primary 'Jeon, H.J.'   1 ? 
primary 'Noda, M.'     2 ? 
primary 'Matoba, Y.'   3 ? 
primary 'Kumagai, T.'  4 ? 
primary 'Sugiyama, M.' 5 ? 
# 
loop_
_entity.id 
_entity.type 
_entity.src_method 
_entity.pdbx_description 
_entity.formula_weight 
_entity.pdbx_number_of_molecules 
_entity.pdbx_ec 
_entity.pdbx_mutation 
_entity.pdbx_fragment 
_entity.details 
1 polymer man 'Mundticin KS immunity protein' 13290.209 1  ? ? ? ? 
2 water   nat water                           18.015    94 ? ? ? ? 
# 
_entity_poly.entity_id                      1 
_entity_poly.type                           'polypeptide(L)' 
_entity_poly.nstd_linkage                   no 
_entity_poly.nstd_monomer                   no 
_entity_poly.pdbx_seq_one_letter_code       
;MGSSHHHHHHSSGLVPRGSHMSNLKWFSGGDDRRKKAEVIITELLDDLEIDLGNESLRKVLGSYLKKLKNEGTSVPLVLS
RMNIEISNAIKKDGVSLNENQSKKLKELMSISNIRYGY
;
_entity_poly.pdbx_seq_one_letter_code_can   
;MGSSHHHHHHSSGLVPRGSHMSNLKWFSGGDDRRKKAEVIITELLDDLEIDLGNESLRKVLGSYLKKLKNEGTSVPLVLS
RMNIEISNAIKKDGVSLNENQSKKLKELMSISNIRYGY
;
_entity_poly.pdbx_strand_id                 A 
_entity_poly.pdbx_target_identifier         ? 
# 
_pdbx_entity_nonpoly.entity_id   2 
_pdbx_entity_nonpoly.name        water 
_pdbx_entity_nonpoly.comp_id     HOH 
# 
loop_
_entity_poly_seq.entity_id 
_entity_poly_seq.num 
_entity_poly_seq.mon_id 
_entity_poly_seq.hetero 
1 1   MET n 
1 2   GLY n 
1 3   SER n 
1 4   SER n 
1 5   HIS n 
1 6   HIS n 
1 7   HIS n 
1 8   HIS n 
1 9   HIS n 
1 10  HIS n 
1 11  SER n 
1 12  SER n 
1 13  GLY n 
1 14  LEU n 
1 15  VAL n 
1 16  PRO n 
1 17  ARG n 
1 18  GLY n 
1 19  SER n 
1 20  HIS n 
1 21  MET n 
1 22  SER n 
1 23  ASN n 
1 24  LEU n 
1 25  LYS n 
1 26  TRP n 
1 27  PHE n 
1 28  SER n 
1 29  GLY n 
1 30  GLY n 
1 31  ASP n 
1 32  ASP n 
1 33  ARG n 
1 34  ARG n 
1 35  LYS n 
1 36  LYS n 
1 37  ALA n 
1 38  GLU n 
1 39  VAL n 
1 40  ILE n 
1 41  ILE n 
1 42  THR n 
1 43  GLU n 
1 44  LEU n 
1 45  LEU n 
1 46  ASP n 
1 47  ASP n 
1 48  LEU n 
1 49  GLU n 
1 50  ILE n 
1 51  ASP n 
1 52  LEU n 
1 53  GLY n 
1 54  ASN n 
1 55  GLU n 
1 56  SER n 
1 57  LEU n 
1 58  ARG n 
1 59  LYS n 
1 60  VAL n 
1 61  LEU n 
1 62  GLY n 
1 63  SER n 
1 64  TYR n 
1 65  LEU n 
1 66  LYS n 
1 67  LYS n 
1 68  LEU n 
1 69  LYS n 
1 70  ASN n 
1 71  GLU n 
1 72  GLY n 
1 73  THR n 
1 74  SER n 
1 75  VAL n 
1 76  PRO n 
1 77  LEU n 
1 78  VAL n 
1 79  LEU n 
1 80  SER n 
1 81  ARG n 
1 82  MET n 
1 83  ASN n 
1 84  ILE n 
1 85  GLU n 
1 86  ILE n 
1 87  SER n 
1 88  ASN n 
1 89  ALA n 
1 90  ILE n 
1 91  LYS n 
1 92  LYS n 
1 93  ASP n 
1 94  GLY n 
1 95  VAL n 
1 96  SER n 
1 97  LEU n 
1 98  ASN n 
1 99  GLU n 
1 100 ASN n 
1 101 GLN n 
1 102 SER n 
1 103 LYS n 
1 104 LYS n 
1 105 LEU n 
1 106 LYS n 
1 107 GLU n 
1 108 LEU n 
1 109 MET n 
1 110 SER n 
1 111 ILE n 
1 112 SER n 
1 113 ASN n 
1 114 ILE n 
1 115 ARG n 
1 116 TYR n 
1 117 GLY n 
1 118 TYR n 
# 
_entity_src_gen.entity_id                          1 
_entity_src_gen.pdbx_src_id                        1 
_entity_src_gen.pdbx_alt_source_flag               sample 
_entity_src_gen.pdbx_seq_type                      ? 
_entity_src_gen.pdbx_beg_seq_num                   ? 
_entity_src_gen.pdbx_end_seq_num                   ? 
_entity_src_gen.gene_src_common_name               ? 
_entity_src_gen.gene_src_genus                     ? 
_entity_src_gen.pdbx_gene_src_gene                 orf8 
_entity_src_gen.gene_src_species                   ? 
_entity_src_gen.gene_src_strain                    15-1A 
_entity_src_gen.gene_src_tissue                    ? 
_entity_src_gen.gene_src_tissue_fraction           ? 
_entity_src_gen.gene_src_details                   ? 
_entity_src_gen.pdbx_gene_src_fragment             ? 
_entity_src_gen.pdbx_gene_src_scientific_name      'Enterococcus mundtii' 
_entity_src_gen.pdbx_gene_src_ncbi_taxonomy_id     53346 
_entity_src_gen.pdbx_gene_src_variant              ? 
_entity_src_gen.pdbx_gene_src_cell_line            ? 
_entity_src_gen.pdbx_gene_src_atcc                 ? 
_entity_src_gen.pdbx_gene_src_organ                ? 
_entity_src_gen.pdbx_gene_src_organelle            ? 
_entity_src_gen.pdbx_gene_src_cell                 ? 
_entity_src_gen.pdbx_gene_src_cellular_location    ? 
_entity_src_gen.host_org_common_name               ? 
_entity_src_gen.pdbx_host_org_scientific_name      'Escherichia coli' 
_entity_src_gen.pdbx_host_org_ncbi_taxonomy_id     562 
_entity_src_gen.host_org_genus                     ? 
_entity_src_gen.pdbx_host_org_gene                 ? 
_entity_src_gen.pdbx_host_org_organ                ? 
_entity_src_gen.host_org_species                   ? 
_entity_src_gen.pdbx_host_org_tissue               ? 
_entity_src_gen.pdbx_host_org_tissue_fraction      ? 
_entity_src_gen.pdbx_host_org_strain               'BL21(DE3)pLysS' 
_entity_src_gen.pdbx_host_org_variant              ? 
_entity_src_gen.pdbx_host_org_cell_line            ? 
_entity_src_gen.pdbx_host_org_atcc                 ? 
_entity_src_gen.pdbx_host_org_culture_collection   ? 
_entity_src_gen.pdbx_host_org_cell                 ? 
_entity_src_gen.pdbx_host_org_organelle            ? 
_entity_src_gen.pdbx_host_org_cellular_location    ? 
_entity_src_gen.pdbx_host_org_vector_type          plasmid 
_entity_src_gen.pdbx_host_org_vector               ? 
_entity_src_gen.host_org_details                   ? 
_entity_src_gen.expression_system_id               ? 
_entity_src_gen.plasmid_name                       'pET-28a(+)' 
_entity_src_gen.plasmid_details                    ? 
_entity_src_gen.pdbx_description                   ? 
# 
loop_
_chem_comp.id 
_chem_comp.type 
_chem_comp.mon_nstd_flag 
_chem_comp.name 
_chem_comp.pdbx_synonyms 
_chem_comp.formula 
_chem_comp.formula_weight 
ALA 'L-peptide linking' y ALANINE         ? 'C3 H7 N O2'     89.093  
ARG 'L-peptide linking' y ARGININE        ? 'C6 H15 N4 O2 1' 175.209 
ASN 'L-peptide linking' y ASPARAGINE      ? 'C4 H8 N2 O3'    132.118 
ASP 'L-peptide linking' y 'ASPARTIC ACID' ? 'C4 H7 N O4'     133.103 
GLN 'L-peptide linking' y GLUTAMINE       ? 'C5 H10 N2 O3'   146.144 
GLU 'L-peptide linking' y 'GLUTAMIC ACID' ? 'C5 H9 N O4'     147.129 
GLY 'peptide linking'   y GLYCINE         ? 'C2 H5 N O2'     75.067  
HIS 'L-peptide linking' y HISTIDINE       ? 'C6 H10 N3 O2 1' 156.162 
HOH non-polymer         . WATER           ? 'H2 O'           18.015  
ILE 'L-peptide linking' y ISOLEUCINE      ? 'C6 H13 N O2'    131.173 
LEU 'L-peptide linking' y LEUCINE         ? 'C6 H13 N O2'    131.173 
LYS 'L-peptide linking' y LYSINE          ? 'C6 H15 N2 O2 1' 147.195 
MET 'L-peptide linking' y METHIONINE      ? 'C5 H11 N O2 S'  149.211 
PHE 'L-peptide linking' y PHENYLALANINE   ? 'C9 H11 N O2'    165.189 
PRO 'L-peptide linking' y PROLINE         ? 'C5 H9 N O2'     115.130 
SER 'L-peptide linking' y SERINE          ? 'C3 H7 N O3'     105.093 
THR 'L-peptide linking' y THREONINE       ? 'C4 H9 N O3'     119.119 
TRP 'L-peptide linking' y TRYPTOPHAN      ? 'C11 H12 N2 O2'  204.225 
TYR 'L-peptide linking' y TYROSINE        ? 'C9 H11 N O3'    181.189 
VAL 'L-peptide linking' y VALINE          ? 'C5 H11 N O2'    117.146 
# 
loop_
_pdbx_poly_seq_scheme.asym_id 
_pdbx_poly_seq_scheme.entity_id 
_pdbx_poly_seq_scheme.seq_id 
_pdbx_poly_seq_scheme.mon_id 
_pdbx_poly_seq_scheme.ndb_seq_num 
_pdbx_poly_seq_scheme.pdb_seq_num 
_pdbx_poly_seq_scheme.auth_seq_num 
_pdbx_poly_seq_scheme.pdb_mon_id 
_pdbx_poly_seq_scheme.auth_mon_id 
_pdbx_poly_seq_scheme.pdb_strand_id 
_pdbx_poly_seq_scheme.pdb_ins_code 
_pdbx_poly_seq_scheme.hetero 
A 1 1   MET 1   -19 ?  ?   ?   A . n 
A 1 2   GLY 2   -18 ?  ?   ?   A . n 
A 1 3   SER 3   -17 ?  ?   ?   A . n 
A 1 4   SER 4   -16 ?  ?   ?   A . n 
A 1 5   HIS 5   -15 ?  ?   ?   A . n 
A 1 6   HIS 6   -14 ?  ?   ?   A . n 
A 1 7   HIS 7   -13 ?  ?   ?   A . n 
A 1 8   HIS 8   -12 ?  ?   ?   A . n 
A 1 9   HIS 9   -11 ?  ?   ?   A . n 
A 1 10  HIS 10  -10 ?  ?   ?   A . n 
A 1 11  SER 11  -9  ?  ?   ?   A . n 
A 1 12  SER 12  -8  ?  ?   ?   A . n 
A 1 13  GLY 13  -7  ?  ?   ?   A . n 
A 1 14  LEU 14  -6  ?  ?   ?   A . n 
A 1 15  VAL 15  -5  ?  ?   ?   A . n 
A 1 16  PRO 16  -4  ?  ?   ?   A . n 
A 1 17  ARG 17  -3  ?  ?   ?   A . n 
A 1 18  GLY 18  -2  ?  ?   ?   A . n 
A 1 19  SER 19  -1  ?  ?   ?   A . n 
A 1 20  HIS 20  0   ?  ?   ?   A . n 
A 1 21  MET 21  1   ?  ?   ?   A . n 
A 1 22  SER 22  2   ?  ?   ?   A . n 
A 1 23  ASN 23  3   ?  ?   ?   A . n 
A 1 24  LEU 24  4   ?  ?   ?   A . n 
A 1 25  LYS 25  5   ?  ?   ?   A . n 
A 1 26  TRP 26  6   ?  ?   ?   A . n 
A 1 27  PHE 27  7   ?  ?   ?   A . n 
A 1 28  SER 28  8   ?  ?   ?   A . n 
A 1 29  GLY 29  9   ?  ?   ?   A . n 
A 1 30  GLY 30  10  10 GLY GLY A . n 
A 1 31  ASP 31  11  11 ASP ASP A . n 
A 1 32  ASP 32  12  12 ASP ASP A . n 
A 1 33  ARG 33  13  13 ARG ARG A . n 
A 1 34  ARG 34  14  14 ARG ARG A . n 
A 1 35  LYS 35  15  15 LYS LYS A . n 
A 1 36  LYS 36  16  16 LYS LYS A . n 
A 1 37  ALA 37  17  17 ALA ALA A . n 
A 1 38  GLU 38  18  18 GLU GLU A . n 
A 1 39  VAL 39  19  19 VAL VAL A . n 
A 1 40  ILE 40  20  20 ILE ILE A . n 
A 1 41  ILE 41  21  21 ILE ILE A . n 
A 1 42  THR 42  22  22 THR THR A . n 
A 1 43  GLU 43  23  23 GLU GLU A . n 
A 1 44  LEU 44  24  24 LEU LEU A . n 
A 1 45  LEU 45  25  25 LEU LEU A . n 
A 1 46  ASP 46  26  26 ASP ASP A . n 
A 1 47  ASP 47  27  27 ASP ASP A . n 
A 1 48  LEU 48  28  28 LEU LEU A . n 
A 1 49  GLU 49  29  29 GLU GLU A . n 
A 1 50  ILE 50  30  30 ILE ILE A . n 
A 1 51  ASP 51  31  31 ASP ASP A . n 
A 1 52  LEU 52  32  32 LEU LEU A . n 
A 1 53  GLY 53  33  33 GLY GLY A . n 
A 1 54  ASN 54  34  34 ASN ASN A . n 
A 1 55  GLU 55  35  35 GLU GLU A . n 
A 1 56  SER 56  36  36 SER SER A . n 
A 1 57  LEU 57  37  37 LEU LEU A . n 
A 1 58  ARG 58  38  38 ARG ARG A . n 
A 1 59  LYS 59  39  39 LYS LYS A . n 
A 1 60  VAL 60  40  40 VAL VAL A . n 
A 1 61  LEU 61  41  41 LEU LEU A . n 
A 1 62  GLY 62  42  42 GLY GLY A . n 
A 1 63  SER 63  43  43 SER SER A . n 
A 1 64  TYR 64  44  44 TYR TYR A . n 
A 1 65  LEU 65  45  45 LEU LEU A . n 
A 1 66  LYS 66  46  46 LYS LYS A . n 
A 1 67  LYS 67  47  47 LYS LYS A . n 
A 1 68  LEU 68  48  48 LEU LEU A . n 
A 1 69  LYS 69  49  49 LYS LYS A . n 
A 1 70  ASN 70  50  50 ASN ASN A . n 
A 1 71  GLU 71  51  51 GLU GLU A . n 
A 1 72  GLY 72  52  52 GLY GLY A . n 
A 1 73  THR 73  53  53 THR THR A . n 
A 1 74  SER 74  54  54 SER SER A . n 
A 1 75  VAL 75  55  55 VAL VAL A . n 
A 1 76  PRO 76  56  56 PRO PRO A . n 
A 1 77  LEU 77  57  57 LEU LEU A . n 
A 1 78  VAL 78  58  58 VAL VAL A . n 
A 1 79  LEU 79  59  59 LEU LEU A . n 
A 1 80  SER 80  60  60 SER SER A . n 
A 1 81  ARG 81  61  61 ARG ARG A . n 
A 1 82  MET 82  62  62 MET MET A . n 
A 1 83  ASN 83  63  63 ASN ASN A . n 
A 1 84  ILE 84  64  64 ILE ILE A . n 
A 1 85  GLU 85  65  65 GLU GLU A . n 
A 1 86  ILE 86  66  66 ILE ILE A . n 
A 1 87  SER 87  67  67 SER SER A . n 
A 1 88  ASN 88  68  68 ASN ASN A . n 
A 1 89  ALA 89  69  69 ALA ALA A . n 
A 1 90  ILE 90  70  70 ILE ILE A . n 
A 1 91  LYS 91  71  71 LYS LYS A . n 
A 1 92  LYS 92  72  72 LYS LYS A . n 
A 1 93  ASP 93  73  73 ASP ASP A . n 
A 1 94  GLY 94  74  74 GLY GLY A . n 
A 1 95  VAL 95  75  75 VAL VAL A . n 
A 1 96  SER 96  76  76 SER SER A . n 
A 1 97  LEU 97  77  77 LEU LEU A . n 
A 1 98  ASN 98  78  78 ASN ASN A . n 
A 1 99  GLU 99  79  79 GLU GLU A . n 
A 1 100 ASN 100 80  80 ASN ASN A . n 
A 1 101 GLN 101 81  81 GLN GLN A . n 
A 1 102 SER 102 82  82 SER SER A . n 
A 1 103 LYS 103 83  83 LYS LYS A . n 
A 1 104 LYS 104 84  84 LYS LYS A . n 
A 1 105 LEU 105 85  85 LEU LEU A . n 
A 1 106 LYS 106 86  86 LYS LYS A . n 
A 1 107 GLU 107 87  87 GLU GLU A . n 
A 1 108 LEU 108 88  88 LEU LEU A . n 
A 1 109 MET 109 89  89 MET MET A . n 
A 1 110 SER 110 90  90 SER SER A . n 
A 1 111 ILE 111 91  91 ILE ILE A . n 
A 1 112 SER 112 92  92 SER SER A . n 
A 1 113 ASN 113 93  ?  ?   ?   A . n 
A 1 114 ILE 114 94  ?  ?   ?   A . n 
A 1 115 ARG 115 95  ?  ?   ?   A . n 
A 1 116 TYR 116 96  ?  ?   ?   A . n 
A 1 117 GLY 117 97  ?  ?   ?   A . n 
A 1 118 TYR 118 98  ?  ?   ?   A . n 
# 
loop_
_pdbx_nonpoly_scheme.asym_id 
_pdbx_nonpoly_scheme.entity_id 
_pdbx_nonpoly_scheme.mon_id 
_pdbx_nonpoly_scheme.ndb_seq_num 
_pdbx_nonpoly_scheme.pdb_seq_num 
_pdbx_nonpoly_scheme.auth_seq_num 
_pdbx_nonpoly_scheme.pdb_mon_id 
_pdbx_nonpoly_scheme.auth_mon_id 
_pdbx_nonpoly_scheme.pdb_strand_id 
_pdbx_nonpoly_scheme.pdb_ins_code 
B 2 HOH 1  201 201 HOH HOH A . 
B 2 HOH 2  202 202 HOH HOH A . 
B 2 HOH 3  203 203 HOH HOH A . 
B 2 HOH 4  204 204 HOH HOH A . 
B 2 HOH 5  205 205 HOH HOH A . 
B 2 HOH 6  206 206 HOH HOH A . 
B 2 HOH 7  207 207 HOH HOH A . 
B 2 HOH 8  208 208 HOH HOH A . 
B 2 HOH 9  209 209 HOH HOH A . 
B 2 HOH 10 210 210 HOH HOH A . 
B 2 HOH 11 211 211 HOH HOH A . 
B 2 HOH 12 212 212 HOH HOH A . 
B 2 HOH 13 213 213 HOH HOH A . 
B 2 HOH 14 214 214 HOH HOH A . 
B 2 HOH 15 215 215 HOH HOH A . 
B 2 HOH 16 216 216 HOH HOH A . 
B 2 HOH 17 217 217 HOH HOH A . 
B 2 HOH 18 218 218 HOH HOH A . 
B 2 HOH 19 219 219 HOH HOH A . 
B 2 HOH 20 220 220 HOH HOH A . 
B 2 HOH 21 221 221 HOH HOH A . 
B 2 HOH 22 222 222 HOH HOH A . 
B 2 HOH 23 223 223 HOH HOH A . 
B 2 HOH 24 224 224 HOH HOH A . 
B 2 HOH 25 225 225 HOH HOH A . 
B 2 HOH 26 226 226 HOH HOH A . 
B 2 HOH 27 227 227 HOH HOH A . 
B 2 HOH 28 228 228 HOH HOH A . 
B 2 HOH 29 229 229 HOH HOH A . 
B 2 HOH 30 230 230 HOH HOH A . 
B 2 HOH 31 231 231 HOH HOH A . 
B 2 HOH 32 232 232 HOH HOH A . 
B 2 HOH 33 233 233 HOH HOH A . 
B 2 HOH 34 234 234 HOH HOH A . 
B 2 HOH 35 235 235 HOH HOH A . 
B 2 HOH 36 236 236 HOH HOH A . 
B 2 HOH 37 237 237 HOH HOH A . 
B 2 HOH 38 238 238 HOH HOH A . 
B 2 HOH 39 239 239 HOH HOH A . 
B 2 HOH 40 240 240 HOH HOH A . 
B 2 HOH 41 241 241 HOH HOH A . 
B 2 HOH 42 242 242 HOH HOH A . 
B 2 HOH 43 243 243 HOH HOH A . 
B 2 HOH 44 244 244 HOH HOH A . 
B 2 HOH 45 245 245 HOH HOH A . 
B 2 HOH 46 246 246 HOH HOH A . 
B 2 HOH 47 247 247 HOH HOH A . 
B 2 HOH 48 248 248 HOH HOH A . 
B 2 HOH 49 249 249 HOH HOH A . 
B 2 HOH 50 250 250 HOH HOH A . 
B 2 HOH 51 251 251 HOH HOH A . 
B 2 HOH 52 252 252 HOH HOH A . 
B 2 HOH 53 253 253 HOH HOH A . 
B 2 HOH 54 254 254 HOH HOH A . 
B 2 HOH 55 255 255 HOH HOH A . 
B 2 HOH 56 256 256 HOH HOH A . 
B 2 HOH 57 257 257 HOH HOH A . 
B 2 HOH 58 258 258 HOH HOH A . 
B 2 HOH 59 259 259 HOH HOH A . 
B 2 HOH 60 260 260 HOH HOH A . 
B 2 HOH 61 261 261 HOH HOH A . 
B 2 HOH 62 262 262 HOH HOH A . 
B 2 HOH 63 263 263 HOH HOH A . 
B 2 HOH 64 264 264 HOH HOH A . 
B 2 HOH 65 265 265 HOH HOH A . 
B 2 HOH 66 266 266 HOH HOH A . 
B 2 HOH 67 267 267 HOH HOH A . 
B 2 HOH 68 268 268 HOH HOH A . 
B 2 HOH 69 269 269 HOH HOH A . 
B 2 HOH 70 270 270 HOH HOH A . 
B 2 HOH 71 271 271 HOH HOH A . 
B 2 HOH 72 272 272 HOH HOH A . 
B 2 HOH 73 273 273 HOH HOH A . 
B 2 HOH 74 274 274 HOH HOH A . 
B 2 HOH 75 275 275 HOH HOH A . 
B 2 HOH 76 276 276 HOH HOH A . 
B 2 HOH 77 277 277 HOH HOH A . 
B 2 HOH 78 278 278 HOH HOH A . 
B 2 HOH 79 279 279 HOH HOH A . 
B 2 HOH 80 280 280 HOH HOH A . 
B 2 HOH 81 281 281 HOH HOH A . 
B 2 HOH 82 282 282 HOH HOH A . 
B 2 HOH 83 283 283 HOH HOH A . 
B 2 HOH 84 284 284 HOH HOH A . 
B 2 HOH 85 285 285 HOH HOH A . 
B 2 HOH 86 286 286 HOH HOH A . 
B 2 HOH 87 287 287 HOH HOH A . 
B 2 HOH 88 288 288 HOH HOH A . 
B 2 HOH 89 289 289 HOH HOH A . 
B 2 HOH 90 290 290 HOH HOH A . 
B 2 HOH 91 291 291 HOH HOH A . 
B 2 HOH 92 292 292 HOH HOH A . 
B 2 HOH 93 293 293 HOH HOH A . 
B 2 HOH 94 294 294 HOH HOH A . 
# 
loop_
_software.name 
_software.classification 
_software.version 
_software.citation_id 
_software.pdbx_ordinal 
X-PLOR   refinement        3.851 ? 1 
BSS      'data collection' .     ? 2 
HKL-2000 'data reduction'  .     ? 3 
HKL-2000 'data scaling'    .     ? 4 
SHARP    phasing           .     ? 5 
# 
_cell.entry_id           2ZRR 
_cell.length_a           28.710 
_cell.length_b           73.780 
_cell.length_c           94.760 
_cell.angle_alpha        90.00 
_cell.angle_beta         90.00 
_cell.angle_gamma        90.00 
_cell.Z_PDB              8 
_cell.pdbx_unique_axis   ? 
_cell.length_a_esd       ? 
_cell.length_b_esd       ? 
_cell.length_c_esd       ? 
_cell.angle_alpha_esd    ? 
_cell.angle_beta_esd     ? 
_cell.angle_gamma_esd    ? 
# 
_symmetry.entry_id                         2ZRR 
_symmetry.space_group_name_H-M             'I 2 2 2' 
_symmetry.pdbx_full_space_group_name_H-M   ? 
_symmetry.cell_setting                     ? 
_symmetry.Int_Tables_number                23 
_symmetry.space_group_name_Hall            ? 
# 
_exptl.entry_id          2ZRR 
_exptl.method            'X-RAY DIFFRACTION' 
_exptl.crystals_number   1 
# 
_exptl_crystal.id                    1 
_exptl_crystal.density_meas          ? 
_exptl_crystal.density_Matthews      1.89 
_exptl_crystal.density_percent_sol   34.85 
_exptl_crystal.description           ? 
_exptl_crystal.F_000                 ? 
_exptl_crystal.preparation           ? 
# 
_exptl_crystal_grow.crystal_id      1 
_exptl_crystal_grow.method          'VAPOR DIFFUSION, SITTING DROP' 
_exptl_crystal_grow.temp            297 
_exptl_crystal_grow.temp_details    ? 
_exptl_crystal_grow.pH              3.5 
_exptl_crystal_grow.pdbx_details    
'3.1M sodium formate, 0.1M sodium citrate, pH 3.5, VAPOR DIFFUSION, SITTING DROP, temperature 297K' 
_exptl_crystal_grow.pdbx_pH_range   . 
# 
_diffrn.id                     1 
_diffrn.ambient_temp           100 
_diffrn.ambient_temp_details   ? 
_diffrn.crystal_id             1 
# 
_diffrn_detector.diffrn_id              1 
_diffrn_detector.detector               CCD 
_diffrn_detector.type                   'ADSC QUANTUM 315' 
_diffrn_detector.pdbx_collection_date   2007-06-09 
_diffrn_detector.details                ? 
# 
_diffrn_radiation.diffrn_id                        1 
_diffrn_radiation.wavelength_id                    1 
_diffrn_radiation.pdbx_monochromatic_or_laue_m_l   M 
_diffrn_radiation.monochromator                    ? 
_diffrn_radiation.pdbx_diffrn_protocol             'SINGLE WAVELENGTH' 
_diffrn_radiation.pdbx_scattering_type             x-ray 
# 
_diffrn_radiation_wavelength.id           1 
_diffrn_radiation_wavelength.wavelength   1.0000 
_diffrn_radiation_wavelength.wt           1.0 
# 
_diffrn_source.diffrn_id                   1 
_diffrn_source.source                      SYNCHROTRON 
_diffrn_source.type                        'SPRING-8 BEAMLINE BL41XU' 
_diffrn_source.pdbx_synchrotron_site       SPring-8 
_diffrn_source.pdbx_synchrotron_beamline   BL41XU 
_diffrn_source.pdbx_wavelength             ? 
_diffrn_source.pdbx_wavelength_list        1.0000 
# 
_reflns.entry_id                     2ZRR 
_reflns.observed_criterion_sigma_I   0 
_reflns.observed_criterion_sigma_F   0 
_reflns.d_resolution_low             100 
_reflns.d_resolution_high            1.8 
_reflns.number_obs                   9138 
_reflns.number_all                   9138 
_reflns.percent_possible_obs         94.5 
_reflns.pdbx_Rmerge_I_obs            0.045 
_reflns.pdbx_Rsym_value              0.045 
_reflns.pdbx_netI_over_sigmaI        39.7 
_reflns.B_iso_Wilson_estimate        29.6 
_reflns.pdbx_redundancy              5.2 
_reflns.R_free_details               ? 
_reflns.limit_h_max                  ? 
_reflns.limit_h_min                  ? 
_reflns.limit_k_max                  ? 
_reflns.limit_k_min                  ? 
_reflns.limit_l_max                  ? 
_reflns.limit_l_min                  ? 
_reflns.observed_criterion_F_max     ? 
_reflns.observed_criterion_F_min     ? 
_reflns.pdbx_chi_squared             ? 
_reflns.pdbx_scaling_rejects         ? 
_reflns.pdbx_diffrn_id               1 
_reflns.pdbx_ordinal                 1 
# 
_reflns_shell.d_res_high             1.80 
_reflns_shell.d_res_low              1.86 
_reflns_shell.percent_possible_all   69.4 
_reflns_shell.Rmerge_I_obs           0.368 
_reflns_shell.pdbx_Rsym_value        0.368 
_reflns_shell.meanI_over_sigI_obs    1.8 
_reflns_shell.pdbx_redundancy        3.3 
_reflns_shell.percent_possible_obs   ? 
_reflns_shell.number_unique_all      644 
_reflns_shell.number_measured_all    ? 
_reflns_shell.number_measured_obs    ? 
_reflns_shell.number_unique_obs      ? 
_reflns_shell.pdbx_chi_squared       ? 
_reflns_shell.pdbx_diffrn_id         ? 
_reflns_shell.pdbx_ordinal           1 
# 
_refine.entry_id                                 2ZRR 
_refine.ls_number_reflns_obs                     8042 
_refine.ls_number_reflns_all                     8042 
_refine.pdbx_ls_sigma_I                          1 
_refine.pdbx_ls_sigma_F                          2.0 
_refine.pdbx_data_cutoff_high_absF               10000000.00 
_refine.pdbx_data_cutoff_low_absF                0.001000 
_refine.pdbx_data_cutoff_high_rms_absF           ? 
_refine.ls_d_res_low                             10.00 
_refine.ls_d_res_high                            1.80 
_refine.ls_percent_reflns_obs                    83.4 
_refine.ls_R_factor_obs                          0.228 
_refine.ls_R_factor_all                          ? 
_refine.ls_R_factor_R_work                       0.228 
_refine.ls_R_factor_R_free                       0.284 
_refine.ls_R_factor_R_free_error                 0.013 
_refine.ls_R_factor_R_free_error_details         ? 
_refine.ls_percent_reflns_R_free                 5.6 
_refine.ls_number_reflns_R_free                  450 
_refine.ls_number_parameters                     ? 
_refine.ls_number_restraints                     ? 
_refine.occupancy_min                            ? 
_refine.occupancy_max                            ? 
_refine.correlation_coeff_Fo_to_Fc               ? 
_refine.correlation_coeff_Fo_to_Fc_free          ? 
_refine.B_iso_mean                               49.8 
_refine.aniso_B[1][1]                            0.00 
_refine.aniso_B[2][2]                            0.00 
_refine.aniso_B[3][3]                            0.00 
_refine.aniso_B[1][2]                            0.00 
_refine.aniso_B[1][3]                            0.00 
_refine.aniso_B[2][3]                            0.00 
_refine.solvent_model_details                    ? 
_refine.solvent_model_param_ksol                 ? 
_refine.solvent_model_param_bsol                 ? 
_refine.pdbx_solvent_vdw_probe_radii             ? 
_refine.pdbx_solvent_ion_probe_radii             ? 
_refine.pdbx_solvent_shrinkage_radii             ? 
_refine.pdbx_ls_cross_valid_method               THROUGHOUT 
_refine.details                                  'BULK SOLVENT MODEL USED' 
_refine.pdbx_starting_model                      ? 
_refine.pdbx_method_to_determine_struct          SIRAS 
_refine.pdbx_isotropic_thermal_model             RESTRAINED 
_refine.pdbx_stereochemistry_target_values       'Engh & Huber' 
_refine.pdbx_stereochem_target_val_spec_case     ? 
_refine.pdbx_R_Free_selection_details            RANDOM 
_refine.pdbx_overall_ESU_R                       ? 
_refine.pdbx_overall_ESU_R_Free                  ? 
_refine.overall_SU_ML                            ? 
_refine.overall_SU_B                             ? 
_refine.ls_redundancy_reflns_obs                 ? 
_refine.B_iso_min                                ? 
_refine.B_iso_max                                ? 
_refine.overall_SU_R_Cruickshank_DPI             ? 
_refine.overall_SU_R_free                        ? 
_refine.ls_wR_factor_R_free                      ? 
_refine.ls_wR_factor_R_work                      ? 
_refine.overall_FOM_free_R_set                   ? 
_refine.overall_FOM_work_R_set                   ? 
_refine.pdbx_overall_phase_error                 ? 
_refine.pdbx_refine_id                           'X-RAY DIFFRACTION' 
_refine.pdbx_diffrn_id                           1 
_refine.pdbx_TLS_residual_ADP_flag               ? 
_refine.pdbx_overall_SU_R_free_Cruickshank_DPI   ? 
_refine.pdbx_overall_SU_R_Blow_DPI               ? 
_refine.pdbx_overall_SU_R_free_Blow_DPI          ? 
# 
_refine_analyze.entry_id                        2ZRR 
_refine_analyze.Luzzati_coordinate_error_obs    0.30 
_refine_analyze.Luzzati_sigma_a_obs             0.35 
_refine_analyze.Luzzati_d_res_low_obs           5.00 
_refine_analyze.Luzzati_coordinate_error_free   0.36 
_refine_analyze.Luzzati_sigma_a_free            0.39 
_refine_analyze.Luzzati_d_res_low_free          ? 
_refine_analyze.number_disordered_residues      ? 
_refine_analyze.occupancy_sum_hydrogen          ? 
_refine_analyze.occupancy_sum_non_hydrogen      ? 
_refine_analyze.pdbx_Luzzati_d_res_high_obs     ? 
_refine_analyze.pdbx_refine_id                  'X-RAY DIFFRACTION' 
# 
_refine_hist.pdbx_refine_id                   'X-RAY DIFFRACTION' 
_refine_hist.cycle_id                         LAST 
_refine_hist.pdbx_number_atoms_protein        648 
_refine_hist.pdbx_number_atoms_nucleic_acid   0 
_refine_hist.pdbx_number_atoms_ligand         0 
_refine_hist.number_atoms_solvent             94 
_refine_hist.number_atoms_total               742 
_refine_hist.d_res_high                       1.80 
_refine_hist.d_res_low                        10.00 
# 
loop_
_refine_ls_restr.type 
_refine_ls_restr.dev_ideal 
_refine_ls_restr.dev_ideal_target 
_refine_ls_restr.weight 
_refine_ls_restr.number 
_refine_ls_restr.pdbx_refine_id 
_refine_ls_restr.pdbx_restraint_function 
x_bond_d                0.006 ?    ? ? 'X-RAY DIFFRACTION' ? 
x_bond_d_na             ?     ?    ? ? 'X-RAY DIFFRACTION' ? 
x_bond_d_prot           ?     ?    ? ? 'X-RAY DIFFRACTION' ? 
x_angle_d               ?     ?    ? ? 'X-RAY DIFFRACTION' ? 
x_angle_d_na            ?     ?    ? ? 'X-RAY DIFFRACTION' ? 
x_angle_d_prot          ?     ?    ? ? 'X-RAY DIFFRACTION' ? 
x_angle_deg             1.1   ?    ? ? 'X-RAY DIFFRACTION' ? 
x_angle_deg_na          ?     ?    ? ? 'X-RAY DIFFRACTION' ? 
x_angle_deg_prot        ?     ?    ? ? 'X-RAY DIFFRACTION' ? 
x_dihedral_angle_d      23.4  ?    ? ? 'X-RAY DIFFRACTION' ? 
x_dihedral_angle_d_na   ?     ?    ? ? 'X-RAY DIFFRACTION' ? 
x_dihedral_angle_d_prot ?     ?    ? ? 'X-RAY DIFFRACTION' ? 
x_improper_angle_d      0.63  ?    ? ? 'X-RAY DIFFRACTION' ? 
x_improper_angle_d_na   ?     ?    ? ? 'X-RAY DIFFRACTION' ? 
x_improper_angle_d_prot ?     ?    ? ? 'X-RAY DIFFRACTION' ? 
x_mcbond_it             2.65  1.50 ? ? 'X-RAY DIFFRACTION' ? 
x_mcangle_it            4.29  2.00 ? ? 'X-RAY DIFFRACTION' ? 
x_scbond_it             4.66  2.00 ? ? 'X-RAY DIFFRACTION' ? 
x_scangle_it            7.06  2.50 ? ? 'X-RAY DIFFRACTION' ? 
# 
_refine_ls_shell.pdbx_total_number_of_bins_used   10 
_refine_ls_shell.d_res_high                       1.80 
_refine_ls_shell.d_res_low                        1.88 
_refine_ls_shell.number_reflns_R_work             323 
_refine_ls_shell.R_factor_R_work                  0.33 
_refine_ls_shell.percent_reflns_obs               38.1 
_refine_ls_shell.R_factor_R_free                  0.39 
_refine_ls_shell.R_factor_R_free_error            0.076 
_refine_ls_shell.percent_reflns_R_free            7.2 
_refine_ls_shell.number_reflns_R_free             25 
_refine_ls_shell.number_reflns_all                ? 
_refine_ls_shell.R_factor_all                     ? 
_refine_ls_shell.number_reflns_obs                464 
_refine_ls_shell.redundancy_reflns_obs            ? 
_refine_ls_shell.pdbx_refine_id                   'X-RAY DIFFRACTION' 
# 
loop_
_pdbx_xplor_file.serial_no 
_pdbx_xplor_file.param_file 
_pdbx_xplor_file.topol_file 
_pdbx_xplor_file.pdbx_refine_id 
1 protein_rep.param tophcsdx.pro 'X-RAY DIFFRACTION' 
2 ?                 toph19.sol   'X-RAY DIFFRACTION' 
# 
_struct.entry_id                  2ZRR 
_struct.title                     
;Crystal structure of an immunity protein that contributes to the self-protection of bacteriocin-producing Enterococcus mundtii 15-1A
;
_struct.pdbx_model_details        ? 
_struct.pdbx_CASP_flag            ? 
_struct.pdbx_model_type_details   ? 
# 
_struct_keywords.entry_id        2ZRR 
_struct_keywords.pdbx_keywords   'ANTIMICROBIAL PROTEIN' 
_struct_keywords.text            'antiparallel four-helix bundle, ANTIMICROBIAL PROTEIN' 
# 
loop_
_struct_asym.id 
_struct_asym.pdbx_blank_PDB_chainid_flag 
_struct_asym.pdbx_modified 
_struct_asym.entity_id 
_struct_asym.details 
A N N 1 ? 
B N N 2 ? 
# 
_struct_ref.id                         1 
_struct_ref.db_name                    PDB 
_struct_ref.db_code                    2ZRR 
_struct_ref.pdbx_db_accession          2ZRR 
_struct_ref.entity_id                  1 
_struct_ref.pdbx_seq_one_letter_code   
;MSNLKWFSGGDDRRKKAEVIITELLDDLEIDLGNESLRKVLGSYLKKLKNEGTSVPLVLSRMNIEISNAIKKDGVSLNEN
QSKKLKELMSISNIRYGY
;
_struct_ref.pdbx_align_begin           ? 
_struct_ref.pdbx_db_isoform            ? 
# 
_struct_ref_seq.align_id                      1 
_struct_ref_seq.ref_id                        1 
_struct_ref_seq.pdbx_PDB_id_code              2ZRR 
_struct_ref_seq.pdbx_strand_id                A 
_struct_ref_seq.seq_align_beg                 21 
_struct_ref_seq.pdbx_seq_align_beg_ins_code   ? 
_struct_ref_seq.seq_align_end                 118 
_struct_ref_seq.pdbx_seq_align_end_ins_code   ? 
_struct_ref_seq.pdbx_db_accession             2ZRR 
_struct_ref_seq.db_align_beg                  1 
_struct_ref_seq.pdbx_db_align_beg_ins_code    ? 
_struct_ref_seq.db_align_end                  98 
_struct_ref_seq.pdbx_db_align_end_ins_code    ? 
_struct_ref_seq.pdbx_auth_seq_align_beg       1 
_struct_ref_seq.pdbx_auth_seq_align_end       98 
# 
loop_
_struct_ref_seq_dif.align_id 
_struct_ref_seq_dif.pdbx_pdb_id_code 
_struct_ref_seq_dif.mon_id 
_struct_ref_seq_dif.pdbx_pdb_strand_id 
_struct_ref_seq_dif.seq_num 
_struct_ref_seq_dif.pdbx_pdb_ins_code 
_struct_ref_seq_dif.pdbx_seq_db_name 
_struct_ref_seq_dif.pdbx_seq_db_accession_code 
_struct_ref_seq_dif.db_mon_id 
_struct_ref_seq_dif.pdbx_seq_db_seq_num 
_struct_ref_seq_dif.details 
_struct_ref_seq_dif.pdbx_auth_seq_num 
_struct_ref_seq_dif.pdbx_ordinal 
1 2ZRR MET A 1  ? PDB 2ZRR ? ? 'expression tag' -19 1  
1 2ZRR GLY A 2  ? PDB 2ZRR ? ? 'expression tag' -18 2  
1 2ZRR SER A 3  ? PDB 2ZRR ? ? 'expression tag' -17 3  
1 2ZRR SER A 4  ? PDB 2ZRR ? ? 'expression tag' -16 4  
1 2ZRR HIS A 5  ? PDB 2ZRR ? ? 'expression tag' -15 5  
1 2ZRR HIS A 6  ? PDB 2ZRR ? ? 'expression tag' -14 6  
1 2ZRR HIS A 7  ? PDB 2ZRR ? ? 'expression tag' -13 7  
1 2ZRR HIS A 8  ? PDB 2ZRR ? ? 'expression tag' -12 8  
1 2ZRR HIS A 9  ? PDB 2ZRR ? ? 'expression tag' -11 9  
1 2ZRR HIS A 10 ? PDB 2ZRR ? ? 'expression tag' -10 10 
1 2ZRR SER A 11 ? PDB 2ZRR ? ? 'expression tag' -9  11 
1 2ZRR SER A 12 ? PDB 2ZRR ? ? 'expression tag' -8  12 
1 2ZRR GLY A 13 ? PDB 2ZRR ? ? 'expression tag' -7  13 
1 2ZRR LEU A 14 ? PDB 2ZRR ? ? 'expression tag' -6  14 
1 2ZRR VAL A 15 ? PDB 2ZRR ? ? 'expression tag' -5  15 
1 2ZRR PRO A 16 ? PDB 2ZRR ? ? 'expression tag' -4  16 
1 2ZRR ARG A 17 ? PDB 2ZRR ? ? 'expression tag' -3  17 
1 2ZRR GLY A 18 ? PDB 2ZRR ? ? 'expression tag' -2  18 
1 2ZRR SER A 19 ? PDB 2ZRR ? ? 'expression tag' -1  19 
1 2ZRR HIS A 20 ? PDB 2ZRR ? ? 'expression tag' 0   20 
# 
_pdbx_struct_assembly.id                   1 
_pdbx_struct_assembly.details              author_and_software_defined_assembly 
_pdbx_struct_assembly.method_details       PISA 
_pdbx_struct_assembly.oligomeric_details   monomeric 
_pdbx_struct_assembly.oligomeric_count     1 
# 
_pdbx_struct_assembly_gen.assembly_id       1 
_pdbx_struct_assembly_gen.oper_expression   1 
_pdbx_struct_assembly_gen.asym_id_list      A,B 
# 
_pdbx_struct_oper_list.id                   1 
_pdbx_struct_oper_list.type                 'identity operation' 
_pdbx_struct_oper_list.name                 1_555 
_pdbx_struct_oper_list.symmetry_operation   x,y,z 
_pdbx_struct_oper_list.matrix[1][1]         1.0000000000 
_pdbx_struct_oper_list.matrix[1][2]         0.0000000000 
_pdbx_struct_oper_list.matrix[1][3]         0.0000000000 
_pdbx_struct_oper_list.vector[1]            0.0000000000 
_pdbx_struct_oper_list.matrix[2][1]         0.0000000000 
_pdbx_struct_oper_list.matrix[2][2]         1.0000000000 
_pdbx_struct_oper_list.matrix[2][3]         0.0000000000 
_pdbx_struct_oper_list.vector[2]            0.0000000000 
_pdbx_struct_oper_list.matrix[3][1]         0.0000000000 
_pdbx_struct_oper_list.matrix[3][2]         0.0000000000 
_pdbx_struct_oper_list.matrix[3][3]         1.0000000000 
_pdbx_struct_oper_list.vector[3]            0.0000000000 
# 
_struct_biol.id        1 
_struct_biol.details   ? 
# 
loop_
_struct_conf.conf_type_id 
_struct_conf.id 
_struct_conf.pdbx_PDB_helix_id 
_struct_conf.beg_label_comp_id 
_struct_conf.beg_label_asym_id 
_struct_conf.beg_label_seq_id 
_struct_conf.pdbx_beg_PDB_ins_code 
_struct_conf.end_label_comp_id 
_struct_conf.end_label_asym_id 
_struct_conf.end_label_seq_id 
_struct_conf.pdbx_end_PDB_ins_code 
_struct_conf.beg_auth_comp_id 
_struct_conf.beg_auth_asym_id 
_struct_conf.beg_auth_seq_id 
_struct_conf.end_auth_comp_id 
_struct_conf.end_auth_asym_id 
_struct_conf.end_auth_seq_id 
_struct_conf.pdbx_PDB_helix_class 
_struct_conf.details 
_struct_conf.pdbx_PDB_helix_length 
HELX_P HELX_P1 1 ASP A 32 ? GLU A 49  ? ASP A 12 GLU A 29 1 ? 18 
HELX_P HELX_P2 2 ASN A 54 ? GLU A 71  ? ASN A 34 GLU A 51 1 ? 18 
HELX_P HELX_P3 3 SER A 74 ? LYS A 91  ? SER A 54 LYS A 71 1 ? 18 
HELX_P HELX_P4 4 ASN A 98 ? SER A 110 ? ASN A 78 SER A 90 1 ? 13 
# 
_struct_conf_type.id          HELX_P 
_struct_conf_type.criteria    ? 
_struct_conf_type.reference   ? 
# 
loop_
_pdbx_validate_torsion.id 
_pdbx_validate_torsion.PDB_model_num 
_pdbx_validate_torsion.auth_comp_id 
_pdbx_validate_torsion.auth_asym_id 
_pdbx_validate_torsion.auth_seq_id 
_pdbx_validate_torsion.PDB_ins_code 
_pdbx_validate_torsion.label_alt_id 
_pdbx_validate_torsion.phi 
_pdbx_validate_torsion.psi 
1 1 GLU A 29 ? ? 72.32  131.06 
2 1 LYS A 72 ? ? -61.15 -81.95 
# 
loop_
_pdbx_struct_special_symmetry.id 
_pdbx_struct_special_symmetry.PDB_model_num 
_pdbx_struct_special_symmetry.auth_asym_id 
_pdbx_struct_special_symmetry.auth_comp_id 
_pdbx_struct_special_symmetry.auth_seq_id 
_pdbx_struct_special_symmetry.PDB_ins_code 
_pdbx_struct_special_symmetry.label_asym_id 
_pdbx_struct_special_symmetry.label_comp_id 
_pdbx_struct_special_symmetry.label_seq_id 
1 1 A HOH 237 ? B HOH . 
2 1 A HOH 240 ? B HOH . 
3 1 A HOH 263 ? B HOH . 
4 1 A HOH 281 ? B HOH . 
5 1 A HOH 284 ? B HOH . 
# 
_pdbx_entry_details.sequence_details         
;THE SEQUNECE DATABSE OF THIS PROTEIN HAS BEEN DEPOSITED TO DDBJ.
ACCESSION CODE AB454504.
IT WILL BE OPENED WHEN THIS FILE IS PUBLISHED.
;
_pdbx_entry_details.entry_id                 2ZRR 
_pdbx_entry_details.compound_details         ? 
_pdbx_entry_details.source_details           ? 
_pdbx_entry_details.nonpolymer_details       ? 
_pdbx_entry_details.has_ligand_of_interest   ? 
# 
loop_
_pdbx_unobs_or_zero_occ_residues.id 
_pdbx_unobs_or_zero_occ_residues.PDB_model_num 
_pdbx_unobs_or_zero_occ_residues.polymer_flag 
_pdbx_unobs_or_zero_occ_residues.occupancy_flag 
_pdbx_unobs_or_zero_occ_residues.auth_asym_id 
_pdbx_unobs_or_zero_occ_residues.auth_comp_id 
_pdbx_unobs_or_zero_occ_residues.auth_seq_id 
_pdbx_unobs_or_zero_occ_residues.PDB_ins_code 
_pdbx_unobs_or_zero_occ_residues.label_asym_id 
_pdbx_unobs_or_zero_occ_residues.label_comp_id 
_pdbx_unobs_or_zero_occ_residues.label_seq_id 
1  1 Y 1 A MET -19 ? A MET 1   
2  1 Y 1 A GLY -18 ? A GLY 2   
3  1 Y 1 A SER -17 ? A SER 3   
4  1 Y 1 A SER -16 ? A SER 4   
5  1 Y 1 A HIS -15 ? A HIS 5   
6  1 Y 1 A HIS -14 ? A HIS 6   
7  1 Y 1 A HIS -13 ? A HIS 7   
8  1 Y 1 A HIS -12 ? A HIS 8   
9  1 Y 1 A HIS -11 ? A HIS 9   
10 1 Y 1 A HIS -10 ? A HIS 10  
11 1 Y 1 A SER -9  ? A SER 11  
12 1 Y 1 A SER -8  ? A SER 12  
13 1 Y 1 A GLY -7  ? A GLY 13  
14 1 Y 1 A LEU -6  ? A LEU 14  
15 1 Y 1 A VAL -5  ? A VAL 15  
16 1 Y 1 A PRO -4  ? A PRO 16  
17 1 Y 1 A ARG -3  ? A ARG 17  
18 1 Y 1 A GLY -2  ? A GLY 18  
19 1 Y 1 A SER -1  ? A SER 19  
20 1 Y 1 A HIS 0   ? A HIS 20  
21 1 Y 1 A MET 1   ? A MET 21  
22 1 Y 1 A SER 2   ? A SER 22  
23 1 Y 1 A ASN 3   ? A ASN 23  
24 1 Y 1 A LEU 4   ? A LEU 24  
25 1 Y 1 A LYS 5   ? A LYS 25  
26 1 Y 1 A TRP 6   ? A TRP 26  
27 1 Y 1 A PHE 7   ? A PHE 27  
28 1 Y 1 A SER 8   ? A SER 28  
29 1 Y 1 A GLY 9   ? A GLY 29  
30 1 Y 1 A ASN 93  ? A ASN 113 
31 1 Y 1 A ILE 94  ? A ILE 114 
32 1 Y 1 A ARG 95  ? A ARG 115 
33 1 Y 1 A TYR 96  ? A TYR 116 
34 1 Y 1 A GLY 97  ? A GLY 117 
35 1 Y 1 A TYR 98  ? A TYR 118 
# 
loop_
_chem_comp_atom.comp_id 
_chem_comp_atom.atom_id 
_chem_comp_atom.type_symbol 
_chem_comp_atom.pdbx_aromatic_flag 
_chem_comp_atom.pdbx_stereo_config 
_chem_comp_atom.pdbx_ordinal 
ALA N    N N N 1   
ALA CA   C N S 2   
ALA C    C N N 3   
ALA O    O N N 4   
ALA CB   C N N 5   
ALA OXT  O N N 6   
ALA H    H N N 7   
ALA H2   H N N 8   
ALA HA   H N N 9   
ALA HB1  H N N 10  
ALA HB2  H N N 11  
ALA HB3  H N N 12  
ALA HXT  H N N 13  
ARG N    N N N 14  
ARG CA   C N S 15  
ARG C    C N N 16  
ARG O    O N N 17  
ARG CB   C N N 18  
ARG CG   C N N 19  
ARG CD   C N N 20  
ARG NE   N N N 21  
ARG CZ   C N N 22  
ARG NH1  N N N 23  
ARG NH2  N N N 24  
ARG OXT  O N N 25  
ARG H    H N N 26  
ARG H2   H N N 27  
ARG HA   H N N 28  
ARG HB2  H N N 29  
ARG HB3  H N N 30  
ARG HG2  H N N 31  
ARG HG3  H N N 32  
ARG HD2  H N N 33  
ARG HD3  H N N 34  
ARG HE   H N N 35  
ARG HH11 H N N 36  
ARG HH12 H N N 37  
ARG HH21 H N N 38  
ARG HH22 H N N 39  
ARG HXT  H N N 40  
ASN N    N N N 41  
ASN CA   C N S 42  
ASN C    C N N 43  
ASN O    O N N 44  
ASN CB   C N N 45  
ASN CG   C N N 46  
ASN OD1  O N N 47  
ASN ND2  N N N 48  
ASN OXT  O N N 49  
ASN H    H N N 50  
ASN H2   H N N 51  
ASN HA   H N N 52  
ASN HB2  H N N 53  
ASN HB3  H N N 54  
ASN HD21 H N N 55  
ASN HD22 H N N 56  
ASN HXT  H N N 57  
ASP N    N N N 58  
ASP CA   C N S 59  
ASP C    C N N 60  
ASP O    O N N 61  
ASP CB   C N N 62  
ASP CG   C N N 63  
ASP OD1  O N N 64  
ASP OD2  O N N 65  
ASP OXT  O N N 66  
ASP H    H N N 67  
ASP H2   H N N 68  
ASP HA   H N N 69  
ASP HB2  H N N 70  
ASP HB3  H N N 71  
ASP HD2  H N N 72  
ASP HXT  H N N 73  
GLN N    N N N 74  
GLN CA   C N S 75  
GLN C    C N N 76  
GLN O    O N N 77  
GLN CB   C N N 78  
GLN CG   C N N 79  
GLN CD   C N N 80  
GLN OE1  O N N 81  
GLN NE2  N N N 82  
GLN OXT  O N N 83  
GLN H    H N N 84  
GLN H2   H N N 85  
GLN HA   H N N 86  
GLN HB2  H N N 87  
GLN HB3  H N N 88  
GLN HG2  H N N 89  
GLN HG3  H N N 90  
GLN HE21 H N N 91  
GLN HE22 H N N 92  
GLN HXT  H N N 93  
GLU N    N N N 94  
GLU CA   C N S 95  
GLU C    C N N 96  
GLU O    O N N 97  
GLU CB   C N N 98  
GLU CG   C N N 99  
GLU CD   C N N 100 
GLU OE1  O N N 101 
GLU OE2  O N N 102 
GLU OXT  O N N 103 
GLU H    H N N 104 
GLU H2   H N N 105 
GLU HA   H N N 106 
GLU HB2  H N N 107 
GLU HB3  H N N 108 
GLU HG2  H N N 109 
GLU HG3  H N N 110 
GLU HE2  H N N 111 
GLU HXT  H N N 112 
GLY N    N N N 113 
GLY CA   C N N 114 
GLY C    C N N 115 
GLY O    O N N 116 
GLY OXT  O N N 117 
GLY H    H N N 118 
GLY H2   H N N 119 
GLY HA2  H N N 120 
GLY HA3  H N N 121 
GLY HXT  H N N 122 
HIS N    N N N 123 
HIS CA   C N S 124 
HIS C    C N N 125 
HIS O    O N N 126 
HIS CB   C N N 127 
HIS CG   C Y N 128 
HIS ND1  N Y N 129 
HIS CD2  C Y N 130 
HIS CE1  C Y N 131 
HIS NE2  N Y N 132 
HIS OXT  O N N 133 
HIS H    H N N 134 
HIS H2   H N N 135 
HIS HA   H N N 136 
HIS HB2  H N N 137 
HIS HB3  H N N 138 
HIS HD1  H N N 139 
HIS HD2  H N N 140 
HIS HE1  H N N 141 
HIS HE2  H N N 142 
HIS HXT  H N N 143 
HOH O    O N N 144 
HOH H1   H N N 145 
HOH H2   H N N 146 
ILE N    N N N 147 
ILE CA   C N S 148 
ILE C    C N N 149 
ILE O    O N N 150 
ILE CB   C N S 151 
ILE CG1  C N N 152 
ILE CG2  C N N 153 
ILE CD1  C N N 154 
ILE OXT  O N N 155 
ILE H    H N N 156 
ILE H2   H N N 157 
ILE HA   H N N 158 
ILE HB   H N N 159 
ILE HG12 H N N 160 
ILE HG13 H N N 161 
ILE HG21 H N N 162 
ILE HG22 H N N 163 
ILE HG23 H N N 164 
ILE HD11 H N N 165 
ILE HD12 H N N 166 
ILE HD13 H N N 167 
ILE HXT  H N N 168 
LEU N    N N N 169 
LEU CA   C N S 170 
LEU C    C N N 171 
LEU O    O N N 172 
LEU CB   C N N 173 
LEU CG   C N N 174 
LEU CD1  C N N 175 
LEU CD2  C N N 176 
LEU OXT  O N N 177 
LEU H    H N N 178 
LEU H2   H N N 179 
LEU HA   H N N 180 
LEU HB2  H N N 181 
LEU HB3  H N N 182 
LEU HG   H N N 183 
LEU HD11 H N N 184 
LEU HD12 H N N 185 
LEU HD13 H N N 186 
LEU HD21 H N N 187 
LEU HD22 H N N 188 
LEU HD23 H N N 189 
LEU HXT  H N N 190 
LYS N    N N N 191 
LYS CA   C N S 192 
LYS C    C N N 193 
LYS O    O N N 194 
LYS CB   C N N 195 
LYS CG   C N N 196 
LYS CD   C N N 197 
LYS CE   C N N 198 
LYS NZ   N N N 199 
LYS OXT  O N N 200 
LYS H    H N N 201 
LYS H2   H N N 202 
LYS HA   H N N 203 
LYS HB2  H N N 204 
LYS HB3  H N N 205 
LYS HG2  H N N 206 
LYS HG3  H N N 207 
LYS HD2  H N N 208 
LYS HD3  H N N 209 
LYS HE2  H N N 210 
LYS HE3  H N N 211 
LYS HZ1  H N N 212 
LYS HZ2  H N N 213 
LYS HZ3  H N N 214 
LYS HXT  H N N 215 
MET N    N N N 216 
MET CA   C N S 217 
MET C    C N N 218 
MET O    O N N 219 
MET CB   C N N 220 
MET CG   C N N 221 
MET SD   S N N 222 
MET CE   C N N 223 
MET OXT  O N N 224 
MET H    H N N 225 
MET H2   H N N 226 
MET HA   H N N 227 
MET HB2  H N N 228 
MET HB3  H N N 229 
MET HG2  H N N 230 
MET HG3  H N N 231 
MET HE1  H N N 232 
MET HE2  H N N 233 
MET HE3  H N N 234 
MET HXT  H N N 235 
PHE N    N N N 236 
PHE CA   C N S 237 
PHE C    C N N 238 
PHE O    O N N 239 
PHE CB   C N N 240 
PHE CG   C Y N 241 
PHE CD1  C Y N 242 
PHE CD2  C Y N 243 
PHE CE1  C Y N 244 
PHE CE2  C Y N 245 
PHE CZ   C Y N 246 
PHE OXT  O N N 247 
PHE H    H N N 248 
PHE H2   H N N 249 
PHE HA   H N N 250 
PHE HB2  H N N 251 
PHE HB3  H N N 252 
PHE HD1  H N N 253 
PHE HD2  H N N 254 
PHE HE1  H N N 255 
PHE HE2  H N N 256 
PHE HZ   H N N 257 
PHE HXT  H N N 258 
PRO N    N N N 259 
PRO CA   C N S 260 
PRO C    C N N 261 
PRO O    O N N 262 
PRO CB   C N N 263 
PRO CG   C N N 264 
PRO CD   C N N 265 
PRO OXT  O N N 266 
PRO H    H N N 267 
PRO HA   H N N 268 
PRO HB2  H N N 269 
PRO HB3  H N N 270 
PRO HG2  H N N 271 
PRO HG3  H N N 272 
PRO HD2  H N N 273 
PRO HD3  H N N 274 
PRO HXT  H N N 275 
SER N    N N N 276 
SER CA   C N S 277 
SER C    C N N 278 
SER O    O N N 279 
SER CB   C N N 280 
SER OG   O N N 281 
SER OXT  O N N 282 
SER H    H N N 283 
SER H2   H N N 284 
SER HA   H N N 285 
SER HB2  H N N 286 
SER HB3  H N N 287 
SER HG   H N N 288 
SER HXT  H N N 289 
THR N    N N N 290 
THR CA   C N S 291 
THR C    C N N 292 
THR O    O N N 293 
THR CB   C N R 294 
THR OG1  O N N 295 
THR CG2  C N N 296 
THR OXT  O N N 297 
THR H    H N N 298 
THR H2   H N N 299 
THR HA   H N N 300 
THR HB   H N N 301 
THR HG1  H N N 302 
THR HG21 H N N 303 
THR HG22 H N N 304 
THR HG23 H N N 305 
THR HXT  H N N 306 
TRP N    N N N 307 
TRP CA   C N S 308 
TRP C    C N N 309 
TRP O    O N N 310 
TRP CB   C N N 311 
TRP CG   C Y N 312 
TRP CD1  C Y N 313 
TRP CD2  C Y N 314 
TRP NE1  N Y N 315 
TRP CE2  C Y N 316 
TRP CE3  C Y N 317 
TRP CZ2  C Y N 318 
TRP CZ3  C Y N 319 
TRP CH2  C Y N 320 
TRP OXT  O N N 321 
TRP H    H N N 322 
TRP H2   H N N 323 
TRP HA   H N N 324 
TRP HB2  H N N 325 
TRP HB3  H N N 326 
TRP HD1  H N N 327 
TRP HE1  H N N 328 
TRP HE3  H N N 329 
TRP HZ2  H N N 330 
TRP HZ3  H N N 331 
TRP HH2  H N N 332 
TRP HXT  H N N 333 
TYR N    N N N 334 
TYR CA   C N S 335 
TYR C    C N N 336 
TYR O    O N N 337 
TYR CB   C N N 338 
TYR CG   C Y N 339 
TYR CD1  C Y N 340 
TYR CD2  C Y N 341 
TYR CE1  C Y N 342 
TYR CE2  C Y N 343 
TYR CZ   C Y N 344 
TYR OH   O N N 345 
TYR OXT  O N N 346 
TYR H    H N N 347 
TYR H2   H N N 348 
TYR HA   H N N 349 
TYR HB2  H N N 350 
TYR HB3  H N N 351 
TYR HD1  H N N 352 
TYR HD2  H N N 353 
TYR HE1  H N N 354 
TYR HE2  H N N 355 
TYR HH   H N N 356 
TYR HXT  H N N 357 
VAL N    N N N 358 
VAL CA   C N S 359 
VAL C    C N N 360 
VAL O    O N N 361 
VAL CB   C N N 362 
VAL CG1  C N N 363 
VAL CG2  C N N 364 
VAL OXT  O N N 365 
VAL H    H N N 366 
VAL H2   H N N 367 
VAL HA   H N N 368 
VAL HB   H N N 369 
VAL HG11 H N N 370 
VAL HG12 H N N 371 
VAL HG13 H N N 372 
VAL HG21 H N N 373 
VAL HG22 H N N 374 
VAL HG23 H N N 375 
VAL HXT  H N N 376 
# 
loop_
_chem_comp_bond.comp_id 
_chem_comp_bond.atom_id_1 
_chem_comp_bond.atom_id_2 
_chem_comp_bond.value_order 
_chem_comp_bond.pdbx_aromatic_flag 
_chem_comp_bond.pdbx_stereo_config 
_chem_comp_bond.pdbx_ordinal 
ALA N   CA   sing N N 1   
ALA N   H    sing N N 2   
ALA N   H2   sing N N 3   
ALA CA  C    sing N N 4   
ALA CA  CB   sing N N 5   
ALA CA  HA   sing N N 6   
ALA C   O    doub N N 7   
ALA C   OXT  sing N N 8   
ALA CB  HB1  sing N N 9   
ALA CB  HB2  sing N N 10  
ALA CB  HB3  sing N N 11  
ALA OXT HXT  sing N N 12  
ARG N   CA   sing N N 13  
ARG N   H    sing N N 14  
ARG N   H2   sing N N 15  
ARG CA  C    sing N N 16  
ARG CA  CB   sing N N 17  
ARG CA  HA   sing N N 18  
ARG C   O    doub N N 19  
ARG C   OXT  sing N N 20  
ARG CB  CG   sing N N 21  
ARG CB  HB2  sing N N 22  
ARG CB  HB3  sing N N 23  
ARG CG  CD   sing N N 24  
ARG CG  HG2  sing N N 25  
ARG CG  HG3  sing N N 26  
ARG CD  NE   sing N N 27  
ARG CD  HD2  sing N N 28  
ARG CD  HD3  sing N N 29  
ARG NE  CZ   sing N N 30  
ARG NE  HE   sing N N 31  
ARG CZ  NH1  sing N N 32  
ARG CZ  NH2  doub N N 33  
ARG NH1 HH11 sing N N 34  
ARG NH1 HH12 sing N N 35  
ARG NH2 HH21 sing N N 36  
ARG NH2 HH22 sing N N 37  
ARG OXT HXT  sing N N 38  
ASN N   CA   sing N N 39  
ASN N   H    sing N N 40  
ASN N   H2   sing N N 41  
ASN CA  C    sing N N 42  
ASN CA  CB   sing N N 43  
ASN CA  HA   sing N N 44  
ASN C   O    doub N N 45  
ASN C   OXT  sing N N 46  
ASN CB  CG   sing N N 47  
ASN CB  HB2  sing N N 48  
ASN CB  HB3  sing N N 49  
ASN CG  OD1  doub N N 50  
ASN CG  ND2  sing N N 51  
ASN ND2 HD21 sing N N 52  
ASN ND2 HD22 sing N N 53  
ASN OXT HXT  sing N N 54  
ASP N   CA   sing N N 55  
ASP N   H    sing N N 56  
ASP N   H2   sing N N 57  
ASP CA  C    sing N N 58  
ASP CA  CB   sing N N 59  
ASP CA  HA   sing N N 60  
ASP C   O    doub N N 61  
ASP C   OXT  sing N N 62  
ASP CB  CG   sing N N 63  
ASP CB  HB2  sing N N 64  
ASP CB  HB3  sing N N 65  
ASP CG  OD1  doub N N 66  
ASP CG  OD2  sing N N 67  
ASP OD2 HD2  sing N N 68  
ASP OXT HXT  sing N N 69  
GLN N   CA   sing N N 70  
GLN N   H    sing N N 71  
GLN N   H2   sing N N 72  
GLN CA  C    sing N N 73  
GLN CA  CB   sing N N 74  
GLN CA  HA   sing N N 75  
GLN C   O    doub N N 76  
GLN C   OXT  sing N N 77  
GLN CB  CG   sing N N 78  
GLN CB  HB2  sing N N 79  
GLN CB  HB3  sing N N 80  
GLN CG  CD   sing N N 81  
GLN CG  HG2  sing N N 82  
GLN CG  HG3  sing N N 83  
GLN CD  OE1  doub N N 84  
GLN CD  NE2  sing N N 85  
GLN NE2 HE21 sing N N 86  
GLN NE2 HE22 sing N N 87  
GLN OXT HXT  sing N N 88  
GLU N   CA   sing N N 89  
GLU N   H    sing N N 90  
GLU N   H2   sing N N 91  
GLU CA  C    sing N N 92  
GLU CA  CB   sing N N 93  
GLU CA  HA   sing N N 94  
GLU C   O    doub N N 95  
GLU C   OXT  sing N N 96  
GLU CB  CG   sing N N 97  
GLU CB  HB2  sing N N 98  
GLU CB  HB3  sing N N 99  
GLU CG  CD   sing N N 100 
GLU CG  HG2  sing N N 101 
GLU CG  HG3  sing N N 102 
GLU CD  OE1  doub N N 103 
GLU CD  OE2  sing N N 104 
GLU OE2 HE2  sing N N 105 
GLU OXT HXT  sing N N 106 
GLY N   CA   sing N N 107 
GLY N   H    sing N N 108 
GLY N   H2   sing N N 109 
GLY CA  C    sing N N 110 
GLY CA  HA2  sing N N 111 
GLY CA  HA3  sing N N 112 
GLY C   O    doub N N 113 
GLY C   OXT  sing N N 114 
GLY OXT HXT  sing N N 115 
HIS N   CA   sing N N 116 
HIS N   H    sing N N 117 
HIS N   H2   sing N N 118 
HIS CA  C    sing N N 119 
HIS CA  CB   sing N N 120 
HIS CA  HA   sing N N 121 
HIS C   O    doub N N 122 
HIS C   OXT  sing N N 123 
HIS CB  CG   sing N N 124 
HIS CB  HB2  sing N N 125 
HIS CB  HB3  sing N N 126 
HIS CG  ND1  sing Y N 127 
HIS CG  CD2  doub Y N 128 
HIS ND1 CE1  doub Y N 129 
HIS ND1 HD1  sing N N 130 
HIS CD2 NE2  sing Y N 131 
HIS CD2 HD2  sing N N 132 
HIS CE1 NE2  sing Y N 133 
HIS CE1 HE1  sing N N 134 
HIS NE2 HE2  sing N N 135 
HIS OXT HXT  sing N N 136 
HOH O   H1   sing N N 137 
HOH O   H2   sing N N 138 
ILE N   CA   sing N N 139 
ILE N   H    sing N N 140 
ILE N   H2   sing N N 141 
ILE CA  C    sing N N 142 
ILE CA  CB   sing N N 143 
ILE CA  HA   sing N N 144 
ILE C   O    doub N N 145 
ILE C   OXT  sing N N 146 
ILE CB  CG1  sing N N 147 
ILE CB  CG2  sing N N 148 
ILE CB  HB   sing N N 149 
ILE CG1 CD1  sing N N 150 
ILE CG1 HG12 sing N N 151 
ILE CG1 HG13 sing N N 152 
ILE CG2 HG21 sing N N 153 
ILE CG2 HG22 sing N N 154 
ILE CG2 HG23 sing N N 155 
ILE CD1 HD11 sing N N 156 
ILE CD1 HD12 sing N N 157 
ILE CD1 HD13 sing N N 158 
ILE OXT HXT  sing N N 159 
LEU N   CA   sing N N 160 
LEU N   H    sing N N 161 
LEU N   H2   sing N N 162 
LEU CA  C    sing N N 163 
LEU CA  CB   sing N N 164 
LEU CA  HA   sing N N 165 
LEU C   O    doub N N 166 
LEU C   OXT  sing N N 167 
LEU CB  CG   sing N N 168 
LEU CB  HB2  sing N N 169 
LEU CB  HB3  sing N N 170 
LEU CG  CD1  sing N N 171 
LEU CG  CD2  sing N N 172 
LEU CG  HG   sing N N 173 
LEU CD1 HD11 sing N N 174 
LEU CD1 HD12 sing N N 175 
LEU CD1 HD13 sing N N 176 
LEU CD2 HD21 sing N N 177 
LEU CD2 HD22 sing N N 178 
LEU CD2 HD23 sing N N 179 
LEU OXT HXT  sing N N 180 
LYS N   CA   sing N N 181 
LYS N   H    sing N N 182 
LYS N   H2   sing N N 183 
LYS CA  C    sing N N 184 
LYS CA  CB   sing N N 185 
LYS CA  HA   sing N N 186 
LYS C   O    doub N N 187 
LYS C   OXT  sing N N 188 
LYS CB  CG   sing N N 189 
LYS CB  HB2  sing N N 190 
LYS CB  HB3  sing N N 191 
LYS CG  CD   sing N N 192 
LYS CG  HG2  sing N N 193 
LYS CG  HG3  sing N N 194 
LYS CD  CE   sing N N 195 
LYS CD  HD2  sing N N 196 
LYS CD  HD3  sing N N 197 
LYS CE  NZ   sing N N 198 
LYS CE  HE2  sing N N 199 
LYS CE  HE3  sing N N 200 
LYS NZ  HZ1  sing N N 201 
LYS NZ  HZ2  sing N N 202 
LYS NZ  HZ3  sing N N 203 
LYS OXT HXT  sing N N 204 
MET N   CA   sing N N 205 
MET N   H    sing N N 206 
MET N   H2   sing N N 207 
MET CA  C    sing N N 208 
MET CA  CB   sing N N 209 
MET CA  HA   sing N N 210 
MET C   O    doub N N 211 
MET C   OXT  sing N N 212 
MET CB  CG   sing N N 213 
MET CB  HB2  sing N N 214 
MET CB  HB3  sing N N 215 
MET CG  SD   sing N N 216 
MET CG  HG2  sing N N 217 
MET CG  HG3  sing N N 218 
MET SD  CE   sing N N 219 
MET CE  HE1  sing N N 220 
MET CE  HE2  sing N N 221 
MET CE  HE3  sing N N 222 
MET OXT HXT  sing N N 223 
PHE N   CA   sing N N 224 
PHE N   H    sing N N 225 
PHE N   H2   sing N N 226 
PHE CA  C    sing N N 227 
PHE CA  CB   sing N N 228 
PHE CA  HA   sing N N 229 
PHE C   O    doub N N 230 
PHE C   OXT  sing N N 231 
PHE CB  CG   sing N N 232 
PHE CB  HB2  sing N N 233 
PHE CB  HB3  sing N N 234 
PHE CG  CD1  doub Y N 235 
PHE CG  CD2  sing Y N 236 
PHE CD1 CE1  sing Y N 237 
PHE CD1 HD1  sing N N 238 
PHE CD2 CE2  doub Y N 239 
PHE CD2 HD2  sing N N 240 
PHE CE1 CZ   doub Y N 241 
PHE CE1 HE1  sing N N 242 
PHE CE2 CZ   sing Y N 243 
PHE CE2 HE2  sing N N 244 
PHE CZ  HZ   sing N N 245 
PHE OXT HXT  sing N N 246 
PRO N   CA   sing N N 247 
PRO N   CD   sing N N 248 
PRO N   H    sing N N 249 
PRO CA  C    sing N N 250 
PRO CA  CB   sing N N 251 
PRO CA  HA   sing N N 252 
PRO C   O    doub N N 253 
PRO C   OXT  sing N N 254 
PRO CB  CG   sing N N 255 
PRO CB  HB2  sing N N 256 
PRO CB  HB3  sing N N 257 
PRO CG  CD   sing N N 258 
PRO CG  HG2  sing N N 259 
PRO CG  HG3  sing N N 260 
PRO CD  HD2  sing N N 261 
PRO CD  HD3  sing N N 262 
PRO OXT HXT  sing N N 263 
SER N   CA   sing N N 264 
SER N   H    sing N N 265 
SER N   H2   sing N N 266 
SER CA  C    sing N N 267 
SER CA  CB   sing N N 268 
SER CA  HA   sing N N 269 
SER C   O    doub N N 270 
SER C   OXT  sing N N 271 
SER CB  OG   sing N N 272 
SER CB  HB2  sing N N 273 
SER CB  HB3  sing N N 274 
SER OG  HG   sing N N 275 
SER OXT HXT  sing N N 276 
THR N   CA   sing N N 277 
THR N   H    sing N N 278 
THR N   H2   sing N N 279 
THR CA  C    sing N N 280 
THR CA  CB   sing N N 281 
THR CA  HA   sing N N 282 
THR C   O    doub N N 283 
THR C   OXT  sing N N 284 
THR CB  OG1  sing N N 285 
THR CB  CG2  sing N N 286 
THR CB  HB   sing N N 287 
THR OG1 HG1  sing N N 288 
THR CG2 HG21 sing N N 289 
THR CG2 HG22 sing N N 290 
THR CG2 HG23 sing N N 291 
THR OXT HXT  sing N N 292 
TRP N   CA   sing N N 293 
TRP N   H    sing N N 294 
TRP N   H2   sing N N 295 
TRP CA  C    sing N N 296 
TRP CA  CB   sing N N 297 
TRP CA  HA   sing N N 298 
TRP C   O    doub N N 299 
TRP C   OXT  sing N N 300 
TRP CB  CG   sing N N 301 
TRP CB  HB2  sing N N 302 
TRP CB  HB3  sing N N 303 
TRP CG  CD1  doub Y N 304 
TRP CG  CD2  sing Y N 305 
TRP CD1 NE1  sing Y N 306 
TRP CD1 HD1  sing N N 307 
TRP CD2 CE2  doub Y N 308 
TRP CD2 CE3  sing Y N 309 
TRP NE1 CE2  sing Y N 310 
TRP NE1 HE1  sing N N 311 
TRP CE2 CZ2  sing Y N 312 
TRP CE3 CZ3  doub Y N 313 
TRP CE3 HE3  sing N N 314 
TRP CZ2 CH2  doub Y N 315 
TRP CZ2 HZ2  sing N N 316 
TRP CZ3 CH2  sing Y N 317 
TRP CZ3 HZ3  sing N N 318 
TRP CH2 HH2  sing N N 319 
TRP OXT HXT  sing N N 320 
TYR N   CA   sing N N 321 
TYR N   H    sing N N 322 
TYR N   H2   sing N N 323 
TYR CA  C    sing N N 324 
TYR CA  CB   sing N N 325 
TYR CA  HA   sing N N 326 
TYR C   O    doub N N 327 
TYR C   OXT  sing N N 328 
TYR CB  CG   sing N N 329 
TYR CB  HB2  sing N N 330 
TYR CB  HB3  sing N N 331 
TYR CG  CD1  doub Y N 332 
TYR CG  CD2  sing Y N 333 
TYR CD1 CE1  sing Y N 334 
TYR CD1 HD1  sing N N 335 
TYR CD2 CE2  doub Y N 336 
TYR CD2 HD2  sing N N 337 
TYR CE1 CZ   doub Y N 338 
TYR CE1 HE1  sing N N 339 
TYR CE2 CZ   sing Y N 340 
TYR CE2 HE2  sing N N 341 
TYR CZ  OH   sing N N 342 
TYR OH  HH   sing N N 343 
TYR OXT HXT  sing N N 344 
VAL N   CA   sing N N 345 
VAL N   H    sing N N 346 
VAL N   H2   sing N N 347 
VAL CA  C    sing N N 348 
VAL CA  CB   sing N N 349 
VAL CA  HA   sing N N 350 
VAL C   O    doub N N 351 
VAL C   OXT  sing N N 352 
VAL CB  CG1  sing N N 353 
VAL CB  CG2  sing N N 354 
VAL CB  HB   sing N N 355 
VAL CG1 HG11 sing N N 356 
VAL CG1 HG12 sing N N 357 
VAL CG1 HG13 sing N N 358 
VAL CG2 HG21 sing N N 359 
VAL CG2 HG22 sing N N 360 
VAL CG2 HG23 sing N N 361 
VAL OXT HXT  sing N N 362 
# 
_atom_sites.entry_id                    2ZRR 
_atom_sites.fract_transf_matrix[1][1]   -0.00049452 
_atom_sites.fract_transf_matrix[1][2]   -0.01267018 
_atom_sites.fract_transf_matrix[1][3]   0.03244103 
_atom_sites.fract_transf_matrix[2][1]   -0.00654587 
_atom_sites.fract_transf_matrix[2][2]   0.01108877 
_atom_sites.fract_transf_matrix[2][3]   0.00423105 
_atom_sites.fract_transf_matrix[3][1]   -0.00923951 
_atom_sites.fract_transf_matrix[3][2]   -0.00470007 
_atom_sites.fract_transf_matrix[3][3]   -0.00197650 
_atom_sites.fract_transf_vector[1]      0.143017 
_atom_sites.fract_transf_vector[2]      0.804615 
_atom_sites.fract_transf_vector[3]      -0.138890 
# 
loop_
_atom_type.symbol 
C 
N 
O 
S 
# 
loop_
_atom_site.group_PDB 
_atom_site.id 
_atom_site.type_symbol 
_atom_site.label_atom_id 
_atom_site.label_alt_id 
_atom_site.label_comp_id 
_atom_site.label_asym_id 
_atom_site.label_entity_id 
_atom_site.label_seq_id 
_atom_site.pdbx_PDB_ins_code 
_atom_site.Cartn_x 
_atom_site.Cartn_y 
_atom_site.Cartn_z 
_atom_site.occupancy 
_atom_site.B_iso_or_equiv 
_atom_site.pdbx_formal_charge 
_atom_site.auth_seq_id 
_atom_site.auth_comp_id 
_atom_site.auth_asym_id 
_atom_site.auth_atom_id 
_atom_site.pdbx_PDB_model_num 
ATOM   1   N N   . GLY A 1 30  ? -13.906 12.200  13.828  1.00 58.66  ? 10  GLY A N   1 
ATOM   2   C CA  . GLY A 1 30  ? -12.848 11.227  14.229  1.00 58.50  ? 10  GLY A CA  1 
ATOM   3   C C   . GLY A 1 30  ? -12.386 10.364  13.068  1.00 58.79  ? 10  GLY A C   1 
ATOM   4   O O   . GLY A 1 30  ? -11.831 9.276   13.263  1.00 60.64  ? 10  GLY A O   1 
ATOM   5   N N   . ASP A 1 31  ? -12.614 10.846  11.850  1.00 53.97  ? 11  ASP A N   1 
ATOM   6   C CA  . ASP A 1 31  ? -12.218 10.103  10.658  1.00 49.23  ? 11  ASP A CA  1 
ATOM   7   C C   . ASP A 1 31  ? -10.913 10.614  10.065  1.00 47.25  ? 11  ASP A C   1 
ATOM   8   O O   . ASP A 1 31  ? -10.840 11.730  9.536   1.00 48.32  ? 11  ASP A O   1 
ATOM   9   C CB  . ASP A 1 31  ? -13.315 10.174  9.592   1.00 48.04  ? 11  ASP A CB  1 
ATOM   10  C CG  . ASP A 1 31  ? -13.006 9.322   8.365   1.00 43.83  ? 11  ASP A CG  1 
ATOM   11  O OD1 . ASP A 1 31  ? -13.853 9.298   7.451   1.00 44.43  ? 11  ASP A OD1 1 
ATOM   12  O OD2 . ASP A 1 31  ? -11.933 8.678   8.311   1.00 44.41  ? 11  ASP A OD2 1 
ATOM   13  N N   . ASP A 1 32  ? -9.877  9.791   10.172  1.00 42.94  ? 12  ASP A N   1 
ATOM   14  C CA  . ASP A 1 32  ? -8.582  10.117  9.612   1.00 37.59  ? 12  ASP A CA  1 
ATOM   15  C C   . ASP A 1 32  ? -8.082  8.865   8.933   1.00 28.37  ? 12  ASP A C   1 
ATOM   16  O O   . ASP A 1 32  ? -6.903  8.536   8.987   1.00 29.92  ? 12  ASP A O   1 
ATOM   17  C CB  . ASP A 1 32  ? -7.596  10.582  10.689  1.00 45.53  ? 12  ASP A CB  1 
ATOM   18  C CG  . ASP A 1 32  ? -7.501  9.629   11.849  1.00 52.36  ? 12  ASP A CG  1 
ATOM   19  O OD1 . ASP A 1 32  ? -7.082  10.073  12.935  1.00 61.00  ? 12  ASP A OD1 1 
ATOM   20  O OD2 . ASP A 1 32  ? -7.841  8.438   11.683  1.00 59.04  ? 12  ASP A OD2 1 
ATOM   21  N N   . ARG A 1 33  ? -9.013  8.157   8.303   1.00 26.23  ? 13  ARG A N   1 
ATOM   22  C CA  . ARG A 1 33  ? -8.688  6.941   7.571   1.00 27.75  ? 13  ARG A CA  1 
ATOM   23  C C   . ARG A 1 33  ? -7.721  7.277   6.437   1.00 23.83  ? 13  ARG A C   1 
ATOM   24  O O   . ARG A 1 33  ? -6.849  6.469   6.105   1.00 25.42  ? 13  ARG A O   1 
ATOM   25  C CB  . ARG A 1 33  ? -9.941  6.334   6.947   1.00 29.87  ? 13  ARG A CB  1 
ATOM   26  C CG  . ARG A 1 33  ? -10.866 5.630   7.901   1.00 31.15  ? 13  ARG A CG  1 
ATOM   27  C CD  . ARG A 1 33  ? -12.149 5.267   7.151   1.00 36.31  ? 13  ARG A CD  1 
ATOM   28  N NE  . ARG A 1 33  ? -12.948 6.449   6.822   1.00 34.97  ? 13  ARG A NE  1 
ATOM   29  C CZ  . ARG A 1 33  ? -13.910 6.480   5.903   1.00 29.11  ? 13  ARG A CZ  1 
ATOM   30  N NH1 . ARG A 1 33  ? -14.205 5.391   5.208   1.00 35.06  ? 13  ARG A NH1 1 
ATOM   31  N NH2 . ARG A 1 33  ? -14.588 7.597   5.685   1.00 25.29  ? 13  ARG A NH2 1 
ATOM   32  N N   . ARG A 1 34  ? -7.909  8.454   5.830   1.00 24.75  ? 14  ARG A N   1 
ATOM   33  C CA  . ARG A 1 34  ? -7.052  8.899   4.728   1.00 22.63  ? 14  ARG A CA  1 
ATOM   34  C C   . ARG A 1 34  ? -5.658  9.175   5.271   1.00 20.50  ? 14  ARG A C   1 
ATOM   35  O O   . ARG A 1 34  ? -4.673  8.671   4.736   1.00 25.14  ? 14  ARG A O   1 
ATOM   36  C CB  . ARG A 1 34  ? -7.611  10.164  4.062   1.00 22.99  ? 14  ARG A CB  1 
ATOM   37  C CG  . ARG A 1 34  ? -6.974  10.462  2.687   1.00 27.56  ? 14  ARG A CG  1 
ATOM   38  C CD  . ARG A 1 34  ? -7.702  11.575  1.923   1.00 24.88  ? 14  ARG A CD  1 
ATOM   39  N NE  . ARG A 1 34  ? -9.074  11.182  1.624   1.00 26.32  ? 14  ARG A NE  1 
ATOM   40  C CZ  . ARG A 1 34  ? -9.434  10.406  0.605   1.00 23.40  ? 14  ARG A CZ  1 
ATOM   41  N NH1 . ARG A 1 34  ? -8.523  9.932   -0.234  1.00 19.45  ? 14  ARG A NH1 1 
ATOM   42  N NH2 . ARG A 1 34  ? -10.710 10.072  0.454   1.00 23.52  ? 14  ARG A NH2 1 
ATOM   43  N N   . LYS A 1 35  ? -5.571  9.978   6.328   1.00 24.55  ? 15  LYS A N   1 
ATOM   44  C CA  . LYS A 1 35  ? -4.273  10.257  6.937   1.00 28.76  ? 15  LYS A CA  1 
ATOM   45  C C   . LYS A 1 35  ? -3.622  8.933   7.399   1.00 29.49  ? 15  LYS A C   1 
ATOM   46  O O   . LYS A 1 35  ? -2.446  8.681   7.138   1.00 30.80  ? 15  LYS A O   1 
ATOM   47  C CB  . LYS A 1 35  ? -4.444  11.203  8.121   1.00 33.99  ? 15  LYS A CB  1 
ATOM   48  C CG  . LYS A 1 35  ? -3.131  11.657  8.742   1.00 44.31  ? 15  LYS A CG  1 
ATOM   49  C CD  . LYS A 1 35  ? -3.258  11.808  10.258  1.00 51.91  ? 15  LYS A CD  1 
ATOM   50  C CE  . LYS A 1 35  ? -4.089  13.034  10.642  1.00 57.43  ? 15  LYS A CE  1 
ATOM   51  N NZ  . LYS A 1 35  ? -3.246  14.241  10.920  1.00 60.33  ? 15  LYS A NZ  1 
ATOM   52  N N   . LYS A 1 36  ? -4.401  8.078   8.057   1.00 29.45  ? 16  LYS A N   1 
ATOM   53  C CA  . LYS A 1 36  ? -3.901  6.789   8.531   1.00 28.15  ? 16  LYS A CA  1 
ATOM   54  C C   . LYS A 1 36  ? -3.394  5.945   7.379   1.00 26.80  ? 16  LYS A C   1 
ATOM   55  O O   . LYS A 1 36  ? -2.289  5.408   7.439   1.00 28.02  ? 16  LYS A O   1 
ATOM   56  C CB  . LYS A 1 36  ? -5.014  6.020   9.249   1.00 34.44  ? 16  LYS A CB  1 
ATOM   57  C CG  . LYS A 1 36  ? -4.815  5.847   10.742  1.00 45.59  ? 16  LYS A CG  1 
ATOM   58  C CD  . LYS A 1 36  ? -5.908  4.960   11.354  1.00 49.90  ? 16  LYS A CD  1 
ATOM   59  C CE  . LYS A 1 36  ? -6.991  5.777   12.060  1.00 46.52  ? 16  LYS A CE  1 
ATOM   60  N NZ  . LYS A 1 36  ? -8.291  5.739   11.322  1.00 42.89  ? 16  LYS A NZ  1 
ATOM   61  N N   . ALA A 1 37  ? -4.208  5.807   6.330   1.00 25.57  ? 17  ALA A N   1 
ATOM   62  C CA  . ALA A 1 37  ? -3.812  5.014   5.162   1.00 25.05  ? 17  ALA A CA  1 
ATOM   63  C C   . ALA A 1 37  ? -2.512  5.544   4.527   1.00 27.15  ? 17  ALA A C   1 
ATOM   64  O O   . ALA A 1 37  ? -1.609  4.773   4.185   1.00 28.73  ? 17  ALA A O   1 
ATOM   65  C CB  . ALA A 1 37  ? -4.937  5.000   4.135   1.00 21.17  ? 17  ALA A CB  1 
ATOM   66  N N   . GLU A 1 38  ? -2.413  6.861   4.377   1.00 27.06  ? 18  GLU A N   1 
ATOM   67  C CA  . GLU A 1 38  ? -1.219  7.469   3.798   1.00 26.83  ? 18  GLU A CA  1 
ATOM   68  C C   . GLU A 1 38  ? 0.023   7.226   4.676   1.00 29.66  ? 18  GLU A C   1 
ATOM   69  O O   . GLU A 1 38  ? 1.105   6.919   4.172   1.00 26.15  ? 18  GLU A O   1 
ATOM   70  C CB  . GLU A 1 38  ? -1.449  8.969   3.616   1.00 29.10  ? 18  GLU A CB  1 
ATOM   71  C CG  . GLU A 1 38  ? -2.289  9.327   2.412   1.00 18.66  ? 18  GLU A CG  1 
ATOM   72  C CD  . GLU A 1 38  ? -2.845  10.722  2.496   1.00 25.42  ? 18  GLU A CD  1 
ATOM   73  O OE1 . GLU A 1 38  ? -2.364  11.517  3.323   1.00 26.54  ? 18  GLU A OE1 1 
ATOM   74  O OE2 . GLU A 1 38  ? -3.775  11.037  1.727   1.00 28.18  ? 18  GLU A OE2 1 
ATOM   75  N N   . VAL A 1 39  ? -0.145  7.358   5.992   1.00 32.14  ? 19  VAL A N   1 
ATOM   76  C CA  . VAL A 1 39  ? 0.952   7.141   6.940   1.00 28.92  ? 19  VAL A CA  1 
ATOM   77  C C   . VAL A 1 39  ? 1.521   5.734   6.782   1.00 27.34  ? 19  VAL A C   1 
ATOM   78  O O   . VAL A 1 39  ? 2.731   5.562   6.653   1.00 31.49  ? 19  VAL A O   1 
ATOM   79  C CB  . VAL A 1 39  ? 0.472   7.350   8.404   1.00 26.43  ? 19  VAL A CB  1 
ATOM   80  C CG1 . VAL A 1 39  ? 1.375   6.615   9.378   1.00 27.06  ? 19  VAL A CG1 1 
ATOM   81  C CG2 . VAL A 1 39  ? 0.448   8.822   8.722   1.00 23.48  ? 19  VAL A CG2 1 
ATOM   82  N N   . ILE A 1 40  ? 0.650   4.727   6.775   1.00 26.91  ? 20  ILE A N   1 
ATOM   83  C CA  . ILE A 1 40  ? 1.094   3.346   6.633   1.00 26.11  ? 20  ILE A CA  1 
ATOM   84  C C   . ILE A 1 40  ? 1.870   3.131   5.328   1.00 31.26  ? 20  ILE A C   1 
ATOM   85  O O   . ILE A 1 40  ? 2.895   2.441   5.297   1.00 30.99  ? 20  ILE A O   1 
ATOM   86  C CB  . ILE A 1 40  ? -0.107  2.381   6.669   1.00 25.54  ? 20  ILE A CB  1 
ATOM   87  C CG1 . ILE A 1 40  ? -0.819  2.485   8.013   1.00 29.29  ? 20  ILE A CG1 1 
ATOM   88  C CG2 . ILE A 1 40  ? 0.353   0.952   6.455   1.00 28.55  ? 20  ILE A CG2 1 
ATOM   89  C CD1 . ILE A 1 40  ? -2.066  1.624   8.096   1.00 26.74  ? 20  ILE A CD1 1 
ATOM   90  N N   . ILE A 1 41  ? 1.386   3.722   4.244   1.00 33.11  ? 21  ILE A N   1 
ATOM   91  C CA  . ILE A 1 41  ? 2.054   3.563   2.956   1.00 29.45  ? 21  ILE A CA  1 
ATOM   92  C C   . ILE A 1 41  ? 3.421   4.241   2.990   1.00 24.40  ? 21  ILE A C   1 
ATOM   93  O O   . ILE A 1 41  ? 4.416   3.682   2.533   1.00 27.51  ? 21  ILE A O   1 
ATOM   94  C CB  . ILE A 1 41  ? 1.177   4.139   1.805   1.00 29.51  ? 21  ILE A CB  1 
ATOM   95  C CG1 . ILE A 1 41  ? 0.029   3.163   1.508   1.00 25.49  ? 21  ILE A CG1 1 
ATOM   96  C CG2 . ILE A 1 41  ? 2.025   4.370   0.548   1.00 27.64  ? 21  ILE A CG2 1 
ATOM   97  C CD1 . ILE A 1 41  ? -1.293  3.831   1.184   1.00 32.35  ? 21  ILE A CD1 1 
ATOM   98  N N   . THR A 1 42  ? 3.472   5.441   3.548   1.00 27.20  ? 22  THR A N   1 
ATOM   99  C CA  . THR A 1 42  ? 4.735   6.164   3.642   1.00 31.66  ? 22  THR A CA  1 
ATOM   100 C C   . THR A 1 42  ? 5.749   5.302   4.400   1.00 31.21  ? 22  THR A C   1 
ATOM   101 O O   . THR A 1 42  ? 6.862   5.081   3.940   1.00 29.45  ? 22  THR A O   1 
ATOM   102 C CB  . THR A 1 42  ? 4.533   7.506   4.373   1.00 34.08  ? 22  THR A CB  1 
ATOM   103 O OG1 . THR A 1 42  ? 3.587   8.306   3.647   1.00 38.38  ? 22  THR A OG1 1 
ATOM   104 C CG2 . THR A 1 42  ? 5.839   8.257   4.488   1.00 31.84  ? 22  THR A CG2 1 
ATOM   105 N N   . GLU A 1 43  ? 5.334   4.805   5.560   1.00 35.09  ? 23  GLU A N   1 
ATOM   106 C CA  . GLU A 1 43  ? 6.180   3.956   6.395   1.00 33.64  ? 23  GLU A CA  1 
ATOM   107 C C   . GLU A 1 43  ? 6.654   2.735   5.623   1.00 32.63  ? 23  GLU A C   1 
ATOM   108 O O   . GLU A 1 43  ? 7.838   2.401   5.631   1.00 32.80  ? 23  GLU A O   1 
ATOM   109 C CB  . GLU A 1 43  ? 5.399   3.495   7.629   1.00 32.21  ? 23  GLU A CB  1 
ATOM   110 C CG  . GLU A 1 43  ? 5.074   4.615   8.585   1.00 28.65  ? 23  GLU A CG  1 
ATOM   111 C CD  . GLU A 1 43  ? 4.134   4.171   9.692   1.00 35.08  ? 23  GLU A CD  1 
ATOM   112 O OE1 . GLU A 1 43  ? 3.419   3.157   9.505   1.00 30.95  ? 23  GLU A OE1 1 
ATOM   113 O OE2 . GLU A 1 43  ? 4.118   4.843   10.747  1.00 33.15  ? 23  GLU A OE2 1 
ATOM   114 N N   . LEU A 1 44  ? 5.712   2.068   4.966   1.00 31.60  ? 24  LEU A N   1 
ATOM   115 C CA  . LEU A 1 44  ? 6.008   0.877   4.187   1.00 34.05  ? 24  LEU A CA  1 
ATOM   116 C C   . LEU A 1 44  ? 7.025   1.128   3.081   1.00 35.10  ? 24  LEU A C   1 
ATOM   117 O O   . LEU A 1 44  ? 7.953   0.345   2.893   1.00 36.13  ? 24  LEU A O   1 
ATOM   118 C CB  . LEU A 1 44  ? 4.722   0.336   3.575   1.00 36.90  ? 24  LEU A CB  1 
ATOM   119 C CG  . LEU A 1 44  ? 4.155   -0.888  4.274   1.00 34.21  ? 24  LEU A CG  1 
ATOM   120 C CD1 . LEU A 1 44  ? 2.664   -0.976  4.012   1.00 38.31  ? 24  LEU A CD1 1 
ATOM   121 C CD2 . LEU A 1 44  ? 4.876   -2.124  3.770   1.00 40.47  ? 24  LEU A CD2 1 
ATOM   122 N N   . LEU A 1 45  ? 6.836   2.219   2.343   1.00 35.92  ? 25  LEU A N   1 
ATOM   123 C CA  . LEU A 1 45  ? 7.737   2.568   1.249   1.00 37.03  ? 25  LEU A CA  1 
ATOM   124 C C   . LEU A 1 45  ? 9.128   2.858   1.780   1.00 37.74  ? 25  LEU A C   1 
ATOM   125 O O   . LEU A 1 45  ? 10.134  2.438   1.203   1.00 38.05  ? 25  LEU A O   1 
ATOM   126 C CB  . LEU A 1 45  ? 7.210   3.789   0.504   1.00 32.34  ? 25  LEU A CB  1 
ATOM   127 C CG  . LEU A 1 45  ? 6.232   3.424   -0.599  1.00 30.92  ? 25  LEU A CG  1 
ATOM   128 C CD1 . LEU A 1 45  ? 5.596   4.687   -1.148  1.00 32.02  ? 25  LEU A CD1 1 
ATOM   129 C CD2 . LEU A 1 45  ? 6.965   2.654   -1.682  1.00 26.27  ? 25  LEU A CD2 1 
ATOM   130 N N   . ASP A 1 46  ? 9.175   3.585   2.888   1.00 39.63  ? 26  ASP A N   1 
ATOM   131 C CA  . ASP A 1 46  ? 10.435  3.932   3.525   1.00 43.19  ? 26  ASP A CA  1 
ATOM   132 C C   . ASP A 1 46  ? 11.182  2.661   3.958   1.00 41.12  ? 26  ASP A C   1 
ATOM   133 O O   . ASP A 1 46  ? 12.414  2.618   3.983   1.00 43.01  ? 26  ASP A O   1 
ATOM   134 C CB  . ASP A 1 46  ? 10.156  4.806   4.747   1.00 47.47  ? 26  ASP A CB  1 
ATOM   135 C CG  . ASP A 1 46  ? 11.175  5.915   4.918   1.00 61.64  ? 26  ASP A CG  1 
ATOM   136 O OD1 . ASP A 1 46  ? 10.769  7.095   4.883   1.00 70.29  ? 26  ASP A OD1 1 
ATOM   137 O OD2 . ASP A 1 46  ? 12.379  5.613   5.090   1.00 63.99  ? 26  ASP A OD2 1 
ATOM   138 N N   . ASP A 1 47  ? 10.422  1.622   4.282   1.00 38.00  ? 27  ASP A N   1 
ATOM   139 C CA  . ASP A 1 47  ? 10.993  0.369   4.749   1.00 37.64  ? 27  ASP A CA  1 
ATOM   140 C C   . ASP A 1 47  ? 11.357  -0.630  3.663   1.00 39.31  ? 27  ASP A C   1 
ATOM   141 O O   . ASP A 1 47  ? 12.333  -1.361  3.791   1.00 40.06  ? 27  ASP A O   1 
ATOM   142 C CB  . ASP A 1 47  ? 10.027  -0.296  5.731   1.00 36.90  ? 27  ASP A CB  1 
ATOM   143 C CG  . ASP A 1 47  ? 10.731  -1.233  6.690   1.00 37.61  ? 27  ASP A CG  1 
ATOM   144 O OD1 . ASP A 1 47  ? 10.659  -2.462  6.481   1.00 36.06  ? 27  ASP A OD1 1 
ATOM   145 O OD2 . ASP A 1 47  ? 11.358  -0.736  7.648   1.00 43.96  ? 27  ASP A OD2 1 
ATOM   146 N N   . LEU A 1 48  ? 10.569  -0.664  2.599   1.00 43.99  ? 28  LEU A N   1 
ATOM   147 C CA  . LEU A 1 48  ? 10.791  -1.600  1.505   1.00 44.64  ? 28  LEU A CA  1 
ATOM   148 C C   . LEU A 1 48  ? 12.144  -1.562  0.802   1.00 47.25  ? 28  LEU A C   1 
ATOM   149 O O   . LEU A 1 48  ? 12.612  -2.599  0.330   1.00 50.69  ? 28  LEU A O   1 
ATOM   150 C CB  . LEU A 1 48  ? 9.685   -1.441  0.464   1.00 45.61  ? 28  LEU A CB  1 
ATOM   151 C CG  . LEU A 1 48  ? 8.399   -2.192  0.803   1.00 41.82  ? 28  LEU A CG  1 
ATOM   152 C CD1 . LEU A 1 48  ? 7.307   -1.786  -0.157  1.00 43.04  ? 28  LEU A CD1 1 
ATOM   153 C CD2 . LEU A 1 48  ? 8.655   -3.690  0.730   1.00 44.96  ? 28  LEU A CD2 1 
ATOM   154 N N   . GLU A 1 49  ? 12.771  -0.394  0.714   1.00 47.82  ? 29  GLU A N   1 
ATOM   155 C CA  . GLU A 1 49  ? 14.067  -0.294  0.035   1.00 54.41  ? 29  GLU A CA  1 
ATOM   156 C C   . GLU A 1 49  ? 13.926  -0.428  -1.487  1.00 52.29  ? 29  GLU A C   1 
ATOM   157 O O   . GLU A 1 49  ? 13.279  -1.355  -1.995  1.00 48.18  ? 29  GLU A O   1 
ATOM   158 C CB  . GLU A 1 49  ? 15.043  -1.374  0.543   1.00 62.60  ? 29  GLU A CB  1 
ATOM   159 C CG  . GLU A 1 49  ? 15.348  -2.494  -0.483  1.00 71.01  ? 29  GLU A CG  1 
ATOM   160 C CD  . GLU A 1 49  ? 16.496  -3.416  -0.071  1.00 76.43  ? 29  GLU A CD  1 
ATOM   161 O OE1 . GLU A 1 49  ? 16.378  -4.649  -0.277  1.00 73.89  ? 29  GLU A OE1 1 
ATOM   162 O OE2 . GLU A 1 49  ? 17.516  -2.905  0.449   1.00 79.48  ? 29  GLU A OE2 1 
ATOM   163 N N   . ILE A 1 50  ? 14.548  0.504   -2.204  1.00 50.81  ? 30  ILE A N   1 
ATOM   164 C CA  . ILE A 1 50  ? 14.517  0.516   -3.662  1.00 46.32  ? 30  ILE A CA  1 
ATOM   165 C C   . ILE A 1 50  ? 15.392  -0.619  -4.171  1.00 46.08  ? 30  ILE A C   1 
ATOM   166 O O   . ILE A 1 50  ? 16.614  -0.578  -4.037  1.00 47.35  ? 30  ILE A O   1 
ATOM   167 C CB  . ILE A 1 50  ? 15.029  1.871   -4.211  1.00 42.18  ? 30  ILE A CB  1 
ATOM   168 C CG1 . ILE A 1 50  ? 14.045  2.980   -3.825  1.00 36.90  ? 30  ILE A CG1 1 
ATOM   169 C CG2 . ILE A 1 50  ? 15.192  1.805   -5.733  1.00 40.73  ? 30  ILE A CG2 1 
ATOM   170 C CD1 . ILE A 1 50  ? 14.684  4.326   -3.538  1.00 35.21  ? 30  ILE A CD1 1 
ATOM   171 N N   . ASP A 1 51  ? 14.758  -1.640  -4.735  1.00 46.55  ? 31  ASP A N   1 
ATOM   172 C CA  . ASP A 1 51  ? 15.477  -2.797  -5.256  1.00 50.32  ? 31  ASP A CA  1 
ATOM   173 C C   . ASP A 1 51  ? 14.690  -3.430  -6.404  1.00 50.92  ? 31  ASP A C   1 
ATOM   174 O O   . ASP A 1 51  ? 13.478  -3.256  -6.502  1.00 52.91  ? 31  ASP A O   1 
ATOM   175 C CB  . ASP A 1 51  ? 15.726  -3.805  -4.123  1.00 56.84  ? 31  ASP A CB  1 
ATOM   176 C CG  . ASP A 1 51  ? 15.092  -5.156  -4.381  1.00 63.00  ? 31  ASP A CG  1 
ATOM   177 O OD1 . ASP A 1 51  ? 15.668  -5.946  -5.159  1.00 70.65  ? 31  ASP A OD1 1 
ATOM   178 O OD2 . ASP A 1 51  ? 14.022  -5.436  -3.802  1.00 65.72  ? 31  ASP A OD2 1 
ATOM   179 N N   . LEU A 1 52  ? 15.385  -4.149  -7.278  1.00 51.88  ? 32  LEU A N   1 
ATOM   180 C CA  . LEU A 1 52  ? 14.741  -4.786  -8.424  1.00 54.09  ? 32  LEU A CA  1 
ATOM   181 C C   . LEU A 1 52  ? 13.675  -5.786  -7.990  1.00 55.80  ? 32  LEU A C   1 
ATOM   182 O O   . LEU A 1 52  ? 12.738  -6.075  -8.736  1.00 56.65  ? 32  LEU A O   1 
ATOM   183 C CB  . LEU A 1 52  ? 15.790  -5.495  -9.292  1.00 54.38  ? 32  LEU A CB  1 
ATOM   184 C CG  . LEU A 1 52  ? 16.793  -4.637  -10.080 1.00 53.36  ? 32  LEU A CG  1 
ATOM   185 C CD1 . LEU A 1 52  ? 17.672  -5.555  -10.945 1.00 47.93  ? 32  LEU A CD1 1 
ATOM   186 C CD2 . LEU A 1 52  ? 16.054  -3.607  -10.948 1.00 50.17  ? 32  LEU A CD2 1 
ATOM   187 N N   . GLY A 1 53  ? 13.824  -6.301  -6.774  1.00 56.32  ? 33  GLY A N   1 
ATOM   188 C CA  . GLY A 1 53  ? 12.891  -7.278  -6.244  1.00 55.96  ? 33  GLY A CA  1 
ATOM   189 C C   . GLY A 1 53  ? 11.497  -6.765  -5.947  1.00 54.97  ? 33  GLY A C   1 
ATOM   190 O O   . GLY A 1 53  ? 10.516  -7.380  -6.368  1.00 56.32  ? 33  GLY A O   1 
ATOM   191 N N   . ASN A 1 54  ? 11.394  -5.650  -5.225  1.00 54.16  ? 34  ASN A N   1 
ATOM   192 C CA  . ASN A 1 54  ? 10.089  -5.095  -4.881  1.00 54.52  ? 34  ASN A CA  1 
ATOM   193 C C   . ASN A 1 54  ? 9.696   -3.802  -5.587  1.00 53.97  ? 34  ASN A C   1 
ATOM   194 O O   . ASN A 1 54  ? 8.948   -3.006  -5.026  1.00 55.52  ? 34  ASN A O   1 
ATOM   195 C CB  . ASN A 1 54  ? 9.979   -4.870  -3.366  1.00 54.62  ? 34  ASN A CB  1 
ATOM   196 C CG  . ASN A 1 54  ? 11.320  -4.660  -2.698  1.00 54.52  ? 34  ASN A CG  1 
ATOM   197 O OD1 . ASN A 1 54  ? 11.827  -5.554  -2.019  1.00 61.91  ? 34  ASN A OD1 1 
ATOM   198 N ND2 . ASN A 1 54  ? 11.898  -3.475  -2.872  1.00 53.15  ? 34  ASN A ND2 1 
ATOM   199 N N   . GLU A 1 55  ? 10.172  -3.582  -6.808  1.00 53.97  ? 35  GLU A N   1 
ATOM   200 C CA  . GLU A 1 55  ? 9.825   -2.351  -7.516  1.00 54.59  ? 35  GLU A CA  1 
ATOM   201 C C   . GLU A 1 55  ? 8.331   -2.289  -7.838  1.00 51.11  ? 35  GLU A C   1 
ATOM   202 O O   . GLU A 1 55  ? 7.697   -1.242  -7.705  1.00 50.68  ? 35  GLU A O   1 
ATOM   203 C CB  . GLU A 1 55  ? 10.652  -2.215  -8.805  1.00 57.00  ? 35  GLU A CB  1 
ATOM   204 C CG  . GLU A 1 55  ? 11.592  -0.998  -8.826  1.00 60.84  ? 35  GLU A CG  1 
ATOM   205 C CD  . GLU A 1 55  ? 11.175  0.100   -7.847  1.00 66.54  ? 35  GLU A CD  1 
ATOM   206 O OE1 . GLU A 1 55  ? 11.918  0.343   -6.869  1.00 65.56  ? 35  GLU A OE1 1 
ATOM   207 O OE2 . GLU A 1 55  ? 10.104  0.720   -8.053  1.00 67.68  ? 35  GLU A OE2 1 
ATOM   208 N N   . SER A 1 56  ? 7.765   -3.416  -8.248  1.00 49.99  ? 36  SER A N   1 
ATOM   209 C CA  . SER A 1 56  ? 6.348   -3.464  -8.582  1.00 53.51  ? 36  SER A CA  1 
ATOM   210 C C   . SER A 1 56  ? 5.475   -3.095  -7.387  1.00 50.07  ? 36  SER A C   1 
ATOM   211 O O   . SER A 1 56  ? 4.489   -2.378  -7.532  1.00 49.53  ? 36  SER A O   1 
ATOM   212 C CB  . SER A 1 56  ? 5.974   -4.859  -9.087  1.00 59.39  ? 36  SER A CB  1 
ATOM   213 O OG  . SER A 1 56  ? 7.064   -5.461  -9.771  1.00 72.69  ? 36  SER A OG  1 
ATOM   214 N N   . LEU A 1 57  ? 5.840   -3.590  -6.206  1.00 46.99  ? 37  LEU A N   1 
ATOM   215 C CA  . LEU A 1 57  ? 5.081   -3.305  -4.987  1.00 41.70  ? 37  LEU A CA  1 
ATOM   216 C C   . LEU A 1 57  ? 5.205   -1.840  -4.599  1.00 33.03  ? 37  LEU A C   1 
ATOM   217 O O   . LEU A 1 57  ? 4.215   -1.193  -4.270  1.00 33.05  ? 37  LEU A O   1 
ATOM   218 C CB  . LEU A 1 57  ? 5.574   -4.186  -3.833  1.00 47.17  ? 37  LEU A CB  1 
ATOM   219 C CG  . LEU A 1 57  ? 4.769   -4.133  -2.530  1.00 51.42  ? 37  LEU A CG  1 
ATOM   220 C CD1 . LEU A 1 57  ? 3.273   -4.092  -2.837  1.00 51.07  ? 37  LEU A CD1 1 
ATOM   221 C CD2 . LEU A 1 57  ? 5.107   -5.353  -1.683  1.00 51.80  ? 37  LEU A CD2 1 
ATOM   222 N N   . ARG A 1 58  ? 6.429   -1.322  -4.635  1.00 30.80  ? 38  ARG A N   1 
ATOM   223 C CA  . ARG A 1 58  ? 6.673   0.071   -4.296  1.00 28.76  ? 38  ARG A CA  1 
ATOM   224 C C   . ARG A 1 58  ? 5.909   0.935   -5.281  1.00 30.66  ? 38  ARG A C   1 
ATOM   225 O O   . ARG A 1 58  ? 5.410   1.999   -4.928  1.00 34.34  ? 38  ARG A O   1 
ATOM   226 C CB  . ARG A 1 58  ? 8.165   0.388   -4.387  1.00 34.67  ? 38  ARG A CB  1 
ATOM   227 C CG  . ARG A 1 58  ? 9.054   -0.430  -3.459  1.00 37.11  ? 38  ARG A CG  1 
ATOM   228 C CD  . ARG A 1 58  ? 10.507  0.036   -3.536  1.00 38.45  ? 38  ARG A CD  1 
ATOM   229 N NE  . ARG A 1 58  ? 10.606  1.495   -3.568  1.00 41.30  ? 38  ARG A NE  1 
ATOM   230 C CZ  . ARG A 1 58  ? 10.599  2.264   -2.486  1.00 43.61  ? 38  ARG A CZ  1 
ATOM   231 N NH1 . ARG A 1 58  ? 10.500  1.705   -1.286  1.00 50.10  ? 38  ARG A NH1 1 
ATOM   232 N NH2 . ARG A 1 58  ? 10.674  3.584   -2.598  1.00 38.92  ? 38  ARG A NH2 1 
ATOM   233 N N   . LYS A 1 59  ? 5.820   0.463   -6.520  1.00 32.78  ? 39  LYS A N   1 
ATOM   234 C CA  . LYS A 1 59  ? 5.104   1.182   -7.567  1.00 34.53  ? 39  LYS A CA  1 
ATOM   235 C C   . LYS A 1 59  ? 3.632   1.348   -7.170  1.00 34.81  ? 39  LYS A C   1 
ATOM   236 O O   . LYS A 1 59  ? 3.119   2.468   -7.113  1.00 36.82  ? 39  LYS A O   1 
ATOM   237 C CB  . LYS A 1 59  ? 5.216   0.420   -8.896  1.00 38.67  ? 39  LYS A CB  1 
ATOM   238 C CG  . LYS A 1 59  ? 5.451   1.299   -10.119 1.00 44.83  ? 39  LYS A CG  1 
ATOM   239 C CD  . LYS A 1 59  ? 6.906   1.739   -10.236 1.00 47.92  ? 39  LYS A CD  1 
ATOM   240 C CE  . LYS A 1 59  ? 7.415   1.527   -11.648 1.00 49.97  ? 39  LYS A CE  1 
ATOM   241 N NZ  . LYS A 1 59  ? 7.466   0.083   -12.015 1.00 51.50  ? 39  LYS A NZ  1 
ATOM   242 N N   . VAL A 1 60  ? 2.961   0.227   -6.892  1.00 33.56  ? 40  VAL A N   1 
ATOM   243 C CA  . VAL A 1 60  ? 1.556   0.231   -6.485  1.00 29.94  ? 40  VAL A CA  1 
ATOM   244 C C   . VAL A 1 60  ? 1.380   1.105   -5.253  1.00 28.36  ? 40  VAL A C   1 
ATOM   245 O O   . VAL A 1 60  ? 0.508   1.971   -5.201  1.00 30.45  ? 40  VAL A O   1 
ATOM   246 C CB  . VAL A 1 60  ? 1.080   -1.181  -6.117  1.00 31.30  ? 40  VAL A CB  1 
ATOM   247 C CG1 . VAL A 1 60  ? -0.312  -1.115  -5.495  1.00 29.40  ? 40  VAL A CG1 1 
ATOM   248 C CG2 . VAL A 1 60  ? 1.096   -2.072  -7.345  1.00 32.49  ? 40  VAL A CG2 1 
ATOM   249 N N   . LEU A 1 61  ? 2.216   0.860   -4.252  1.00 30.52  ? 41  LEU A N   1 
ATOM   250 C CA  . LEU A 1 61  ? 2.161   1.620   -3.016  1.00 29.11  ? 41  LEU A CA  1 
ATOM   251 C C   . LEU A 1 61  ? 2.309   3.092   -3.309  1.00 28.23  ? 41  LEU A C   1 
ATOM   252 O O   . LEU A 1 61  ? 1.544   3.909   -2.798  1.00 29.51  ? 41  LEU A O   1 
ATOM   253 C CB  . LEU A 1 61  ? 3.284   1.185   -2.082  1.00 29.15  ? 41  LEU A CB  1 
ATOM   254 C CG  . LEU A 1 61  ? 3.143   -0.240  -1.551  1.00 36.08  ? 41  LEU A CG  1 
ATOM   255 C CD1 . LEU A 1 61  ? 4.377   -0.611  -0.740  1.00 28.86  ? 41  LEU A CD1 1 
ATOM   256 C CD2 . LEU A 1 61  ? 1.879   -0.341  -0.702  1.00 33.53  ? 41  LEU A CD2 1 
ATOM   257 N N   . GLY A 1 62  ? 3.310   3.422   -4.124  1.00 29.94  ? 42  GLY A N   1 
ATOM   258 C CA  . GLY A 1 62  ? 3.566   4.809   -4.472  1.00 28.90  ? 42  GLY A CA  1 
ATOM   259 C C   . GLY A 1 62  ? 2.410   5.395   -5.249  1.00 27.23  ? 42  GLY A C   1 
ATOM   260 O O   . GLY A 1 62  ? 2.000   6.533   -5.021  1.00 28.48  ? 42  GLY A O   1 
ATOM   261 N N   . SER A 1 63  ? 1.865   4.601   -6.160  1.00 28.51  ? 43  SER A N   1 
ATOM   262 C CA  . SER A 1 63  ? 0.741   5.048   -6.966  1.00 35.43  ? 43  SER A CA  1 
ATOM   263 C C   . SER A 1 63  ? -0.498  5.350   -6.117  1.00 35.95  ? 43  SER A C   1 
ATOM   264 O O   . SER A 1 63  ? -1.156  6.378   -6.308  1.00 36.02  ? 43  SER A O   1 
ATOM   265 C CB  . SER A 1 63  ? 0.396   3.994   -8.019  1.00 39.71  ? 43  SER A CB  1 
ATOM   266 O OG  . SER A 1 63  ? -0.929  4.182   -8.497  1.00 49.56  ? 43  SER A OG  1 
ATOM   267 N N   . TYR A 1 64  ? -0.822  4.469   -5.172  1.00 30.89  ? 44  TYR A N   1 
ATOM   268 C CA  . TYR A 1 64  ? -1.998  4.703   -4.349  1.00 29.32  ? 44  TYR A CA  1 
ATOM   269 C C   . TYR A 1 64  ? -1.828  5.807   -3.326  1.00 25.47  ? 44  TYR A C   1 
ATOM   270 O O   . TYR A 1 64  ? -2.813  6.426   -2.908  1.00 26.96  ? 44  TYR A O   1 
ATOM   271 C CB  . TYR A 1 64  ? -2.454  3.403   -3.702  1.00 29.22  ? 44  TYR A CB  1 
ATOM   272 C CG  . TYR A 1 64  ? -3.332  2.650   -4.654  1.00 34.01  ? 44  TYR A CG  1 
ATOM   273 C CD1 . TYR A 1 64  ? -2.781  1.793   -5.604  1.00 39.43  ? 44  TYR A CD1 1 
ATOM   274 C CD2 . TYR A 1 64  ? -4.710  2.870   -4.680  1.00 38.52  ? 44  TYR A CD2 1 
ATOM   275 C CE1 . TYR A 1 64  ? -3.580  1.175   -6.563  1.00 43.71  ? 44  TYR A CE1 1 
ATOM   276 C CE2 . TYR A 1 64  ? -5.520  2.263   -5.633  1.00 42.78  ? 44  TYR A CE2 1 
ATOM   277 C CZ  . TYR A 1 64  ? -4.950  1.415   -6.577  1.00 46.83  ? 44  TYR A CZ  1 
ATOM   278 O OH  . TYR A 1 64  ? -5.748  0.815   -7.536  1.00 47.86  ? 44  TYR A OH  1 
ATOM   279 N N   . LEU A 1 65  ? -0.585  6.080   -2.938  1.00 26.17  ? 45  LEU A N   1 
ATOM   280 C CA  . LEU A 1 65  ? -0.344  7.157   -1.995  1.00 21.91  ? 45  LEU A CA  1 
ATOM   281 C C   . LEU A 1 65  ? -0.767  8.465   -2.673  1.00 23.66  ? 45  LEU A C   1 
ATOM   282 O O   . LEU A 1 65  ? -1.441  9.301   -2.064  1.00 23.37  ? 45  LEU A O   1 
ATOM   283 C CB  . LEU A 1 65  ? 1.132   7.209   -1.596  1.00 23.98  ? 45  LEU A CB  1 
ATOM   284 C CG  . LEU A 1 65  ? 1.550   8.422   -0.757  1.00 22.91  ? 45  LEU A CG  1 
ATOM   285 C CD1 . LEU A 1 65  ? 0.776   8.463   0.551   1.00 26.34  ? 45  LEU A CD1 1 
ATOM   286 C CD2 . LEU A 1 65  ? 3.042   8.350   -0.493  1.00 24.70  ? 45  LEU A CD2 1 
ATOM   287 N N   . LYS A 1 66  ? -0.399  8.646   -3.940  1.00 26.96  ? 46  LYS A N   1 
ATOM   288 C CA  . LYS A 1 66  ? -0.799  9.875   -4.624  1.00 28.75  ? 46  LYS A CA  1 
ATOM   289 C C   . LYS A 1 66  ? -2.307  9.893   -4.886  1.00 23.51  ? 46  LYS A C   1 
ATOM   290 O O   . LYS A 1 66  ? -2.945  10.942  -4.796  1.00 26.16  ? 46  LYS A O   1 
ATOM   291 C CB  . LYS A 1 66  ? -0.026  10.061  -5.936  1.00 37.74  ? 46  LYS A CB  1 
ATOM   292 C CG  . LYS A 1 66  ? 0.137   8.819   -6.752  1.00 44.54  ? 46  LYS A CG  1 
ATOM   293 C CD  . LYS A 1 66  ? 0.450   9.176   -8.193  1.00 59.44  ? 46  LYS A CD  1 
ATOM   294 C CE  . LYS A 1 66  ? -0.583  8.583   -9.146  1.00 65.99  ? 46  LYS A CE  1 
ATOM   295 N NZ  . LYS A 1 66  ? -1.812  8.126   -8.426  1.00 68.04  ? 46  LYS A NZ  1 
ATOM   296 N N   . LYS A 1 67  ? -2.884  8.738   -5.205  1.00 25.61  ? 47  LYS A N   1 
ATOM   297 C CA  . LYS A 1 67  ? -4.330  8.667   -5.435  1.00 26.40  ? 47  LYS A CA  1 
ATOM   298 C C   . LYS A 1 67  ? -5.069  9.086   -4.175  1.00 23.65  ? 47  LYS A C   1 
ATOM   299 O O   . LYS A 1 67  ? -6.096  9.758   -4.255  1.00 24.34  ? 47  LYS A O   1 
ATOM   300 C CB  . LYS A 1 67  ? -4.765  7.249   -5.803  1.00 28.73  ? 47  LYS A CB  1 
ATOM   301 C CG  . LYS A 1 67  ? -4.484  6.852   -7.236  1.00 33.32  ? 47  LYS A CG  1 
ATOM   302 C CD  . LYS A 1 67  ? -5.075  5.488   -7.542  1.00 41.09  ? 47  LYS A CD  1 
ATOM   303 C CE  . LYS A 1 67  ? -4.729  5.036   -8.953  1.00 45.27  ? 47  LYS A CE  1 
ATOM   304 N NZ  . LYS A 1 67  ? -3.454  4.272   -8.999  1.00 47.63  ? 47  LYS A NZ  1 
ATOM   305 N N   . LEU A 1 68  ? -4.540  8.687   -3.013  1.00 24.79  ? 48  LEU A N   1 
ATOM   306 C CA  . LEU A 1 68  ? -5.148  9.026   -1.720  1.00 21.88  ? 48  LEU A CA  1 
ATOM   307 C C   . LEU A 1 68  ? -5.154  10.535  -1.469  1.00 20.51  ? 48  LEU A C   1 
ATOM   308 O O   . LEU A 1 68  ? -6.132  11.106  -0.985  1.00 20.11  ? 48  LEU A O   1 
ATOM   309 C CB  . LEU A 1 68  ? -4.393  8.323   -0.578  1.00 20.26  ? 48  LEU A CB  1 
ATOM   310 C CG  . LEU A 1 68  ? -4.733  6.855   -0.350  1.00 21.54  ? 48  LEU A CG  1 
ATOM   311 C CD1 . LEU A 1 68  ? -3.723  6.233   0.594   1.00 24.83  ? 48  LEU A CD1 1 
ATOM   312 C CD2 . LEU A 1 68  ? -6.136  6.740   0.231   1.00 27.76  ? 48  LEU A CD2 1 
ATOM   313 N N   . LYS A 1 69  ? -4.049  11.187  -1.801  1.00 21.86  ? 49  LYS A N   1 
ATOM   314 C CA  . LYS A 1 69  ? -3.946  12.617  -1.590  1.00 21.15  ? 49  LYS A CA  1 
ATOM   315 C C   . LYS A 1 69  ? -4.624  13.480  -2.644  1.00 23.32  ? 49  LYS A C   1 
ATOM   316 O O   . LYS A 1 69  ? -5.147  14.542  -2.319  1.00 24.88  ? 49  LYS A O   1 
ATOM   317 C CB  . LYS A 1 69  ? -2.477  13.010  -1.507  1.00 24.32  ? 49  LYS A CB  1 
ATOM   318 C CG  . LYS A 1 69  ? -1.625  11.982  -0.802  1.00 29.07  ? 49  LYS A CG  1 
ATOM   319 C CD  . LYS A 1 69  ? -0.161  12.347  -0.899  1.00 34.78  ? 49  LYS A CD  1 
ATOM   320 C CE  . LYS A 1 69  ? 0.425   12.671  0.447   1.00 37.02  ? 49  LYS A CE  1 
ATOM   321 N NZ  . LYS A 1 69  ? 1.432   11.634  0.793   1.00 49.46  ? 49  LYS A NZ  1 
ATOM   322 N N   . ASN A 1 70  ? -4.635  13.028  -3.896  1.00 26.94  ? 50  ASN A N   1 
ATOM   323 C CA  . ASN A 1 70  ? -5.214  13.826  -4.982  1.00 26.60  ? 50  ASN A CA  1 
ATOM   324 C C   . ASN A 1 70  ? -6.616  13.503  -5.494  1.00 25.29  ? 50  ASN A C   1 
ATOM   325 O O   . ASN A 1 70  ? -7.345  14.419  -5.876  1.00 29.94  ? 50  ASN A O   1 
ATOM   326 C CB  . ASN A 1 70  ? -4.262  13.822  -6.170  1.00 30.99  ? 50  ASN A CB  1 
ATOM   327 C CG  . ASN A 1 70  ? -2.860  14.250  -5.797  1.00 29.36  ? 50  ASN A CG  1 
ATOM   328 O OD1 . ASN A 1 70  ? -2.664  15.134  -4.972  1.00 31.45  ? 50  ASN A OD1 1 
ATOM   329 N ND2 . ASN A 1 70  ? -1.874  13.621  -6.416  1.00 34.44  ? 50  ASN A ND2 1 
ATOM   330 N N   . GLU A 1 71  ? -6.987  12.223  -5.513  1.00 23.67  ? 51  GLU A N   1 
ATOM   331 C CA  . GLU A 1 71  ? -8.302  11.790  -6.009  1.00 26.30  ? 51  GLU A CA  1 
ATOM   332 C C   . GLU A 1 71  ? -9.478  12.147  -5.096  1.00 27.34  ? 51  GLU A C   1 
ATOM   333 O O   . GLU A 1 71  ? -9.377  12.047  -3.884  1.00 29.03  ? 51  GLU A O   1 
ATOM   334 C CB  . GLU A 1 71  ? -8.290  10.280  -6.238  1.00 33.07  ? 51  GLU A CB  1 
ATOM   335 C CG  . GLU A 1 71  ? -8.073  9.851   -7.680  1.00 37.37  ? 51  GLU A CG  1 
ATOM   336 C CD  . GLU A 1 71  ? -8.038  8.337   -7.842  1.00 40.84  ? 51  GLU A CD  1 
ATOM   337 O OE1 . GLU A 1 71  ? -8.740  7.624   -7.087  1.00 45.17  ? 51  GLU A OE1 1 
ATOM   338 O OE2 . GLU A 1 71  ? -7.303  7.850   -8.726  1.00 45.02  ? 51  GLU A OE2 1 
ATOM   339 N N   . GLY A 1 72  ? -10.602 12.545  -5.680  1.00 22.35  ? 52  GLY A N   1 
ATOM   340 C CA  . GLY A 1 72  ? -11.745 12.902  -4.870  1.00 21.97  ? 52  GLY A CA  1 
ATOM   341 C C   . GLY A 1 72  ? -12.527 11.694  -4.376  1.00 21.44  ? 52  GLY A C   1 
ATOM   342 O O   . GLY A 1 72  ? -13.605 11.825  -3.787  1.00 21.56  ? 52  GLY A O   1 
ATOM   343 N N   . THR A 1 73  ? -11.977 10.516  -4.622  1.00 21.85  ? 53  THR A N   1 
ATOM   344 C CA  . THR A 1 73  ? -12.610 9.267   -4.228  1.00 27.41  ? 53  THR A CA  1 
ATOM   345 C C   . THR A 1 73  ? -12.545 9.008   -2.720  1.00 29.16  ? 53  THR A C   1 
ATOM   346 O O   . THR A 1 73  ? -11.780 9.643   -1.993  1.00 32.11  ? 53  THR A O   1 
ATOM   347 C CB  . THR A 1 73  ? -11.948 8.080   -4.940  1.00 28.11  ? 53  THR A CB  1 
ATOM   348 O OG1 . THR A 1 73  ? -10.529 8.154   -4.760  1.00 30.75  ? 53  THR A OG1 1 
ATOM   349 C CG2 . THR A 1 73  ? -12.263 8.101   -6.448  1.00 32.83  ? 53  THR A CG2 1 
ATOM   350 N N   . SER A 1 74  ? -13.359 8.062   -2.267  1.00 30.45  ? 54  SER A N   1 
ATOM   351 C CA  . SER A 1 74  ? -13.419 7.670   -0.861  1.00 27.35  ? 54  SER A CA  1 
ATOM   352 C C   . SER A 1 74  ? -12.293 6.697   -0.555  1.00 23.98  ? 54  SER A C   1 
ATOM   353 O O   . SER A 1 74  ? -11.784 6.012   -1.450  1.00 22.97  ? 54  SER A O   1 
ATOM   354 C CB  . SER A 1 74  ? -14.741 6.966   -0.577  1.00 23.68  ? 54  SER A CB  1 
ATOM   355 O OG  . SER A 1 74  ? -14.645 5.622   -1.020  1.00 25.99  ? 54  SER A OG  1 
ATOM   356 N N   . VAL A 1 75  ? -11.914 6.611   0.717   1.00 26.12  ? 55  VAL A N   1 
ATOM   357 C CA  . VAL A 1 75  ? -10.853 5.688   1.098   1.00 27.24  ? 55  VAL A CA  1 
ATOM   358 C C   . VAL A 1 75  ? -11.195 4.226   0.765   1.00 26.67  ? 55  VAL A C   1 
ATOM   359 O O   . VAL A 1 75  ? -10.368 3.510   0.186   1.00 31.65  ? 55  VAL A O   1 
ATOM   360 C CB  . VAL A 1 75  ? -10.495 5.831   2.608   1.00 28.92  ? 55  VAL A CB  1 
ATOM   361 C CG1 . VAL A 1 75  ? -9.830  4.551   3.123   1.00 28.49  ? 55  VAL A CG1 1 
ATOM   362 C CG2 . VAL A 1 75  ? -9.543  7.022   2.803   1.00 22.80  ? 55  VAL A CG2 1 
ATOM   363 N N   . PRO A 1 76  ? -12.407 3.757   1.124   1.00 27.53  ? 56  PRO A N   1 
ATOM   364 C CA  . PRO A 1 76  ? -12.746 2.355   0.805   1.00 27.89  ? 56  PRO A CA  1 
ATOM   365 C C   . PRO A 1 76  ? -12.670 1.994   -0.692  1.00 26.09  ? 56  PRO A C   1 
ATOM   366 O O   . PRO A 1 76  ? -12.243 0.897   -1.049  1.00 25.91  ? 56  PRO A O   1 
ATOM   367 C CB  . PRO A 1 76  ? -14.157 2.173   1.368   1.00 24.89  ? 56  PRO A CB  1 
ATOM   368 C CG  . PRO A 1 76  ? -14.358 3.324   2.334   1.00 29.18  ? 56  PRO A CG  1 
ATOM   369 C CD  . PRO A 1 76  ? -13.490 4.451   1.844   1.00 27.20  ? 56  PRO A CD  1 
ATOM   370 N N   . LEU A 1 77  ? -13.075 2.917   -1.563  1.00 28.23  ? 57  LEU A N   1 
ATOM   371 C CA  . LEU A 1 77  ? -13.033 2.666   -3.005  1.00 29.54  ? 57  LEU A CA  1 
ATOM   372 C C   . LEU A 1 77  ? -11.604 2.518   -3.524  1.00 31.83  ? 57  LEU A C   1 
ATOM   373 O O   . LEU A 1 77  ? -11.293 1.568   -4.253  1.00 31.90  ? 57  LEU A O   1 
ATOM   374 C CB  . LEU A 1 77  ? -13.719 3.802   -3.767  1.00 28.80  ? 57  LEU A CB  1 
ATOM   375 C CG  . LEU A 1 77  ? -13.405 3.855   -5.268  1.00 28.67  ? 57  LEU A CG  1 
ATOM   376 C CD1 . LEU A 1 77  ? -13.724 2.515   -5.911  1.00 28.98  ? 57  LEU A CD1 1 
ATOM   377 C CD2 . LEU A 1 77  ? -14.211 4.961   -5.913  1.00 29.04  ? 57  LEU A CD2 1 
ATOM   378 N N   . VAL A 1 78  ? -10.744 3.466   -3.141  1.00 35.66  ? 58  VAL A N   1 
ATOM   379 C CA  . VAL A 1 78  ? -9.338  3.475   -3.554  1.00 33.32  ? 58  VAL A CA  1 
ATOM   380 C C   . VAL A 1 78  ? -8.578  2.265   -3.041  1.00 30.95  ? 58  VAL A C   1 
ATOM   381 O O   . VAL A 1 78  ? -7.834  1.634   -3.784  1.00 31.30  ? 58  VAL A O   1 
ATOM   382 C CB  . VAL A 1 78  ? -8.612  4.750   -3.048  1.00 39.34  ? 58  VAL A CB  1 
ATOM   383 C CG1 . VAL A 1 78  ? -7.110  4.518   -3.014  1.00 44.87  ? 58  VAL A CG1 1 
ATOM   384 C CG2 . VAL A 1 78  ? -8.920  5.922   -3.953  1.00 39.48  ? 58  VAL A CG2 1 
ATOM   385 N N   . LEU A 1 79  ? -8.771  1.950   -1.763  1.00 33.50  ? 59  LEU A N   1 
ATOM   386 C CA  . LEU A 1 79  ? -8.101  0.819   -1.132  1.00 33.93  ? 59  LEU A CA  1 
ATOM   387 C C   . LEU A 1 79  ? -8.591  -0.537  -1.607  1.00 37.50  ? 59  LEU A C   1 
ATOM   388 O O   . LEU A 1 79  ? -7.828  -1.499  -1.636  1.00 40.72  ? 59  LEU A O   1 
ATOM   389 C CB  . LEU A 1 79  ? -8.251  0.907   0.380   1.00 36.13  ? 59  LEU A CB  1 
ATOM   390 C CG  . LEU A 1 79  ? -7.397  2.001   1.004   1.00 36.24  ? 59  LEU A CG  1 
ATOM   391 C CD1 . LEU A 1 79  ? -7.769  2.176   2.459   1.00 37.33  ? 59  LEU A CD1 1 
ATOM   392 C CD2 . LEU A 1 79  ? -5.936  1.633   0.841   1.00 35.34  ? 59  LEU A CD2 1 
ATOM   393 N N   . SER A 1 80  ? -9.868  -0.629  -1.953  1.00 38.14  ? 60  SER A N   1 
ATOM   394 C CA  . SER A 1 80  ? -10.412 -1.889  -2.446  1.00 42.21  ? 60  SER A CA  1 
ATOM   395 C C   . SER A 1 80  ? -9.750  -2.205  -3.792  1.00 43.96  ? 60  SER A C   1 
ATOM   396 O O   . SER A 1 80  ? -9.443  -3.363  -4.098  1.00 41.55  ? 60  SER A O   1 
ATOM   397 C CB  . SER A 1 80  ? -11.929 -1.775  -2.617  1.00 44.40  ? 60  SER A CB  1 
ATOM   398 O OG  . SER A 1 80  ? -12.550 -1.390  -1.401  1.00 46.75  ? 60  SER A OG  1 
ATOM   399 N N   . ARG A 1 81  ? -9.525  -1.156  -4.581  1.00 49.05  ? 61  ARG A N   1 
ATOM   400 C CA  . ARG A 1 81  ? -8.889  -1.280  -5.892  1.00 51.58  ? 61  ARG A CA  1 
ATOM   401 C C   . ARG A 1 81  ? -7.397  -1.578  -5.724  1.00 51.33  ? 61  ARG A C   1 
ATOM   402 O O   . ARG A 1 81  ? -6.794  -2.305  -6.518  1.00 51.87  ? 61  ARG A O   1 
ATOM   403 C CB  . ARG A 1 81  ? -9.094  0.017   -6.691  1.00 51.84  ? 61  ARG A CB  1 
ATOM   404 C CG  . ARG A 1 81  ? -10.523 0.176   -7.220  1.00 53.70  ? 61  ARG A CG  1 
ATOM   405 C CD  . ARG A 1 81  ? -10.841 1.579   -7.737  1.00 52.79  ? 61  ARG A CD  1 
ATOM   406 N NE  . ARG A 1 81  ? -12.082 1.579   -8.517  1.00 56.35  ? 61  ARG A NE  1 
ATOM   407 C CZ  . ARG A 1 81  ? -12.658 2.656   -9.047  1.00 55.97  ? 61  ARG A CZ  1 
ATOM   408 N NH1 . ARG A 1 81  ? -12.119 3.858   -8.898  1.00 49.44  ? 61  ARG A NH1 1 
ATOM   409 N NH2 . ARG A 1 81  ? -13.787 2.528   -9.732  1.00 61.50  ? 61  ARG A NH2 1 
ATOM   410 N N   . MET A 1 82  ? -6.812  -1.020  -4.670  1.00 49.09  ? 62  MET A N   1 
ATOM   411 C CA  . MET A 1 82  ? -5.400  -1.216  -4.385  1.00 46.59  ? 62  MET A CA  1 
ATOM   412 C C   . MET A 1 82  ? -5.166  -2.617  -3.871  1.00 47.45  ? 62  MET A C   1 
ATOM   413 O O   . MET A 1 82  ? -4.192  -3.267  -4.235  1.00 46.41  ? 62  MET A O   1 
ATOM   414 C CB  . MET A 1 82  ? -4.933  -0.214  -3.336  1.00 47.59  ? 62  MET A CB  1 
ATOM   415 C CG  . MET A 1 82  ? -3.581  -0.546  -2.731  1.00 49.45  ? 62  MET A CG  1 
ATOM   416 S SD  . MET A 1 82  ? -3.167  0.532   -1.350  1.00 46.19  ? 62  MET A SD  1 
ATOM   417 C CE  . MET A 1 82  ? -1.396  0.323   -1.310  1.00 50.90  ? 62  MET A CE  1 
ATOM   418 N N   . ASN A 1 83  ? -6.065  -3.065  -3.005  1.00 51.95  ? 63  ASN A N   1 
ATOM   419 C CA  . ASN A 1 83  ? -5.979  -4.392  -2.419  1.00 56.57  ? 63  ASN A CA  1 
ATOM   420 C C   . ASN A 1 83  ? -5.769  -5.405  -3.529  1.00 57.20  ? 63  ASN A C   1 
ATOM   421 O O   . ASN A 1 83  ? -4.952  -6.318  -3.410  1.00 57.46  ? 63  ASN A O   1 
ATOM   422 C CB  . ASN A 1 83  ? -7.272  -4.702  -1.658  1.00 65.01  ? 63  ASN A CB  1 
ATOM   423 C CG  . ASN A 1 83  ? -7.303  -6.114  -1.098  1.00 71.70  ? 63  ASN A CG  1 
ATOM   424 O OD1 . ASN A 1 83  ? -6.260  -6.736  -0.877  1.00 76.15  ? 63  ASN A OD1 1 
ATOM   425 N ND2 . ASN A 1 83  ? -8.508  -6.627  -0.863  1.00 73.75  ? 63  ASN A ND2 1 
ATOM   426 N N   . ILE A 1 84  ? -6.507  -5.234  -4.618  1.00 58.17  ? 64  ILE A N   1 
ATOM   427 C CA  . ILE A 1 84  ? -6.391  -6.135  -5.748  1.00 58.86  ? 64  ILE A CA  1 
ATOM   428 C C   . ILE A 1 84  ? -4.999  -6.016  -6.364  1.00 59.52  ? 64  ILE A C   1 
ATOM   429 O O   . ILE A 1 84  ? -4.316  -7.018  -6.592  1.00 58.44  ? 64  ILE A O   1 
ATOM   430 C CB  . ILE A 1 84  ? -7.459  -5.805  -6.802  1.00 62.35  ? 64  ILE A CB  1 
ATOM   431 C CG1 . ILE A 1 84  ? -8.846  -6.109  -6.234  1.00 64.95  ? 64  ILE A CG1 1 
ATOM   432 C CG2 . ILE A 1 84  ? -7.217  -6.610  -8.072  1.00 62.71  ? 64  ILE A CG2 1 
ATOM   433 C CD1 . ILE A 1 84  ? -8.991  -7.521  -5.679  1.00 65.61  ? 64  ILE A CD1 1 
ATOM   434 N N   . GLU A 1 85  ? -4.578  -4.782  -6.616  1.00 59.24  ? 65  GLU A N   1 
ATOM   435 C CA  . GLU A 1 85  ? -3.274  -4.512  -7.203  1.00 58.13  ? 65  GLU A CA  1 
ATOM   436 C C   . GLU A 1 85  ? -2.099  -5.128  -6.448  1.00 56.23  ? 65  GLU A C   1 
ATOM   437 O O   . GLU A 1 85  ? -1.237  -5.752  -7.057  1.00 54.08  ? 65  GLU A O   1 
ATOM   438 C CB  . GLU A 1 85  ? -3.067  -3.009  -7.310  1.00 61.31  ? 65  GLU A CB  1 
ATOM   439 C CG  . GLU A 1 85  ? -2.864  -2.525  -8.717  1.00 66.53  ? 65  GLU A CG  1 
ATOM   440 C CD  . GLU A 1 85  ? -3.113  -1.043  -8.842  1.00 72.28  ? 65  GLU A CD  1 
ATOM   441 O OE1 . GLU A 1 85  ? -2.128  -0.272  -8.860  1.00 74.93  ? 65  GLU A OE1 1 
ATOM   442 O OE2 . GLU A 1 85  ? -4.297  -0.651  -8.921  1.00 74.68  ? 65  GLU A OE2 1 
ATOM   443 N N   . ILE A 1 86  ? -2.058  -4.945  -5.129  1.00 58.35  ? 66  ILE A N   1 
ATOM   444 C CA  . ILE A 1 86  ? -0.970  -5.490  -4.308  1.00 59.60  ? 66  ILE A CA  1 
ATOM   445 C C   . ILE A 1 86  ? -0.912  -7.016  -4.384  1.00 62.25  ? 66  ILE A C   1 
ATOM   446 O O   . ILE A 1 86  ? 0.077   -7.636  -3.982  1.00 61.39  ? 66  ILE A O   1 
ATOM   447 C CB  . ILE A 1 86  ? -1.114  -5.066  -2.819  1.00 56.16  ? 66  ILE A CB  1 
ATOM   448 C CG1 . ILE A 1 86  ? -1.119  -3.542  -2.717  1.00 53.62  ? 66  ILE A CG1 1 
ATOM   449 C CG2 . ILE A 1 86  ? 0.041   -5.620  -1.988  1.00 52.12  ? 66  ILE A CG2 1 
ATOM   450 C CD1 . ILE A 1 86  ? -1.277  -3.028  -1.307  1.00 58.07  ? 66  ILE A CD1 1 
ATOM   451 N N   . SER A 1 87  ? -1.972  -7.619  -4.909  1.00 65.65  ? 67  SER A N   1 
ATOM   452 C CA  . SER A 1 87  ? -2.033  -9.069  -5.033  1.00 67.02  ? 67  SER A CA  1 
ATOM   453 C C   . SER A 1 87  ? -1.113  -9.575  -6.134  1.00 65.59  ? 67  SER A C   1 
ATOM   454 O O   . SER A 1 87  ? -0.143  -10.279 -5.863  1.00 62.86  ? 67  SER A O   1 
ATOM   455 C CB  . SER A 1 87  ? -3.468  -9.513  -5.320  1.00 69.39  ? 67  SER A CB  1 
ATOM   456 O OG  . SER A 1 87  ? -4.187  -9.706  -4.110  1.00 73.66  ? 67  SER A OG  1 
ATOM   457 N N   . ASN A 1 88  ? -1.420  -9.196  -7.370  1.00 67.76  ? 68  ASN A N   1 
ATOM   458 C CA  . ASN A 1 88  ? -0.643  -9.624  -8.530  1.00 72.15  ? 68  ASN A CA  1 
ATOM   459 C C   . ASN A 1 88  ? 0.763   -9.041  -8.606  1.00 73.11  ? 68  ASN A C   1 
ATOM   460 O O   . ASN A 1 88  ? 1.515   -9.353  -9.527  1.00 72.02  ? 68  ASN A O   1 
ATOM   461 C CB  . ASN A 1 88  ? -1.401  -9.292  -9.816  1.00 73.21  ? 68  ASN A CB  1 
ATOM   462 C CG  . ASN A 1 88  ? -2.862  -8.977  -9.564  1.00 76.39  ? 68  ASN A CG  1 
ATOM   463 O OD1 . ASN A 1 88  ? -3.383  -7.980  -10.058 1.00 78.29  ? 68  ASN A OD1 1 
ATOM   464 N ND2 . ASN A 1 88  ? -3.532  -9.828  -8.793  1.00 78.09  ? 68  ASN A ND2 1 
ATOM   465 N N   . ALA A 1 89  ? 1.115   -8.197  -7.639  1.00 76.09  ? 69  ALA A N   1 
ATOM   466 C CA  . ALA A 1 89  ? 2.441   -7.582  -7.591  1.00 78.00  ? 69  ALA A CA  1 
ATOM   467 C C   . ALA A 1 89  ? 3.288   -8.299  -6.544  1.00 80.51  ? 69  ALA A C   1 
ATOM   468 O O   . ALA A 1 89  ? 4.484   -8.528  -6.734  1.00 81.92  ? 69  ALA A O   1 
ATOM   469 C CB  . ALA A 1 89  ? 2.321   -6.099  -7.239  1.00 76.11  ? 69  ALA A CB  1 
ATOM   470 N N   . ILE A 1 90  ? 2.647   -8.653  -5.436  1.00 83.12  ? 70  ILE A N   1 
ATOM   471 C CA  . ILE A 1 90  ? 3.310   -9.342  -4.343  1.00 82.75  ? 70  ILE A CA  1 
ATOM   472 C C   . ILE A 1 90  ? 3.822   -10.712 -4.797  1.00 85.72  ? 70  ILE A C   1 
ATOM   473 O O   . ILE A 1 90  ? 4.863   -11.179 -4.338  1.00 88.01  ? 70  ILE A O   1 
ATOM   474 C CB  . ILE A 1 90  ? 2.340   -9.501  -3.149  1.00 79.57  ? 70  ILE A CB  1 
ATOM   475 C CG1 . ILE A 1 90  ? 3.132   -9.689  -1.860  1.00 76.87  ? 70  ILE A CG1 1 
ATOM   476 C CG2 . ILE A 1 90  ? 1.379   -10.649 -3.400  1.00 80.92  ? 70  ILE A CG2 1 
ATOM   477 C CD1 . ILE A 1 90  ? 3.433   -8.393  -1.157  1.00 74.56  ? 70  ILE A CD1 1 
ATOM   478 N N   . LYS A 1 91  ? 3.091   -11.345 -5.711  1.00 87.35  ? 71  LYS A N   1 
ATOM   479 C CA  . LYS A 1 91  ? 3.478   -12.655 -6.222  1.00 89.52  ? 71  LYS A CA  1 
ATOM   480 C C   . LYS A 1 91  ? 4.136   -12.571 -7.597  1.00 90.99  ? 71  LYS A C   1 
ATOM   481 O O   . LYS A 1 91  ? 4.475   -13.594 -8.194  1.00 91.23  ? 71  LYS A O   1 
ATOM   482 C CB  . LYS A 1 91  ? 2.259   -13.580 -6.299  1.00 90.44  ? 71  LYS A CB  1 
ATOM   483 C CG  . LYS A 1 91  ? 0.922   -12.868 -6.198  1.00 90.21  ? 71  LYS A CG  1 
ATOM   484 C CD  . LYS A 1 91  ? 0.080   -13.435 -5.069  1.00 90.48  ? 71  LYS A CD  1 
ATOM   485 C CE  . LYS A 1 91  ? -0.426  -14.829 -5.413  1.00 91.60  ? 71  LYS A CE  1 
ATOM   486 N NZ  . LYS A 1 91  ? -1.330  -15.387 -4.365  1.00 92.37  ? 71  LYS A NZ  1 
ATOM   487 N N   . LYS A 1 92  ? 4.310   -11.354 -8.104  1.00 92.12  ? 72  LYS A N   1 
ATOM   488 C CA  . LYS A 1 92  ? 4.940   -11.159 -9.404  1.00 91.09  ? 72  LYS A CA  1 
ATOM   489 C C   . LYS A 1 92  ? 6.341   -11.719 -9.303  1.00 91.89  ? 72  LYS A C   1 
ATOM   490 O O   . LYS A 1 92  ? 6.601   -12.850 -9.705  1.00 91.65  ? 72  LYS A O   1 
ATOM   491 C CB  . LYS A 1 92  ? 5.012   -9.671  -9.757  1.00 91.07  ? 72  LYS A CB  1 
ATOM   492 C CG  . LYS A 1 92  ? 6.016   -9.339  -10.856 1.00 88.45  ? 72  LYS A CG  1 
ATOM   493 C CD  . LYS A 1 92  ? 5.974   -7.865  -11.215 1.00 87.76  ? 72  LYS A CD  1 
ATOM   494 C CE  . LYS A 1 92  ? 5.742   -7.668  -12.705 1.00 89.37  ? 72  LYS A CE  1 
ATOM   495 N NZ  . LYS A 1 92  ? 5.006   -6.405  -12.988 1.00 90.90  ? 72  LYS A NZ  1 
ATOM   496 N N   . ASP A 1 93  ? 7.240   -10.913 -8.753  1.00 94.57  ? 73  ASP A N   1 
ATOM   497 C CA  . ASP A 1 93  ? 8.618   -11.333 -8.580  1.00 98.40  ? 73  ASP A CA  1 
ATOM   498 C C   . ASP A 1 93  ? 8.684   -12.189 -7.326  1.00 99.75  ? 73  ASP A C   1 
ATOM   499 O O   . ASP A 1 93  ? 9.755   -12.656 -6.932  1.00 100.00 ? 73  ASP A O   1 
ATOM   500 C CB  . ASP A 1 93  ? 9.528   -10.115 -8.432  1.00 99.18  ? 73  ASP A CB  1 
ATOM   501 C CG  . ASP A 1 93  ? 10.426  -9.914  -9.635  1.00 100.00 ? 73  ASP A CG  1 
ATOM   502 O OD1 . ASP A 1 93  ? 10.542  -10.853 -10.451 1.00 100.00 ? 73  ASP A OD1 1 
ATOM   503 O OD2 . ASP A 1 93  ? 11.014  -8.820  -9.763  1.00 100.00 ? 73  ASP A OD2 1 
ATOM   504 N N   . GLY A 1 94  ? 7.522   -12.392 -6.710  1.00 99.99  ? 74  GLY A N   1 
ATOM   505 C CA  . GLY A 1 94  ? 7.450   -13.188 -5.497  1.00 99.98  ? 74  GLY A CA  1 
ATOM   506 C C   . GLY A 1 94  ? 8.044   -12.440 -4.320  1.00 99.99  ? 74  GLY A C   1 
ATOM   507 O O   . GLY A 1 94  ? 8.856   -12.990 -3.567  1.00 99.99  ? 74  GLY A O   1 
ATOM   508 N N   . VAL A 1 95  ? 7.640   -11.178 -4.171  1.00 99.01  ? 75  VAL A N   1 
ATOM   509 C CA  . VAL A 1 95  ? 8.131   -10.335 -3.087  1.00 96.57  ? 75  VAL A CA  1 
ATOM   510 C C   . VAL A 1 95  ? 8.029   -11.091 -1.774  1.00 96.02  ? 75  VAL A C   1 
ATOM   511 O O   . VAL A 1 95  ? 6.951   -11.560 -1.403  1.00 97.90  ? 75  VAL A O   1 
ATOM   512 C CB  . VAL A 1 95  ? 7.313   -9.030  -2.963  1.00 95.37  ? 75  VAL A CB  1 
ATOM   513 C CG1 . VAL A 1 95  ? 8.129   -7.981  -2.233  1.00 92.66  ? 75  VAL A CG1 1 
ATOM   514 C CG2 . VAL A 1 95  ? 6.905   -8.530  -4.340  1.00 94.58  ? 75  VAL A CG2 1 
ATOM   515 N N   . SER A 1 96  ? 9.155   -11.219 -1.081  1.00 92.53  ? 76  SER A N   1 
ATOM   516 C CA  . SER A 1 96  ? 9.170   -11.913 0.197   1.00 88.82  ? 76  SER A CA  1 
ATOM   517 C C   . SER A 1 96  ? 9.138   -10.888 1.322   1.00 84.98  ? 76  SER A C   1 
ATOM   518 O O   . SER A 1 96  ? 10.177  -10.372 1.742   1.00 86.60  ? 76  SER A O   1 
ATOM   519 C CB  . SER A 1 96  ? 10.418  -12.789 0.319   1.00 90.95  ? 76  SER A CB  1 
ATOM   520 O OG  . SER A 1 96  ? 10.096  -14.039 0.904   1.00 94.21  ? 76  SER A OG  1 
ATOM   521 N N   . LEU A 1 97  ? 7.935   -10.590 1.798   1.00 77.38  ? 77  LEU A N   1 
ATOM   522 C CA  . LEU A 1 97  ? 7.756   -9.618  2.865   1.00 70.94  ? 77  LEU A CA  1 
ATOM   523 C C   . LEU A 1 97  ? 7.987   -10.245 4.228   1.00 68.16  ? 77  LEU A C   1 
ATOM   524 O O   . LEU A 1 97  ? 7.525   -11.354 4.486   1.00 68.02  ? 77  LEU A O   1 
ATOM   525 C CB  . LEU A 1 97  ? 6.342   -9.042  2.817   1.00 68.10  ? 77  LEU A CB  1 
ATOM   526 C CG  . LEU A 1 97  ? 5.929   -8.225  1.596   1.00 63.64  ? 77  LEU A CG  1 
ATOM   527 C CD1 . LEU A 1 97  ? 4.735   -7.356  1.962   1.00 61.33  ? 77  LEU A CD1 1 
ATOM   528 C CD2 . LEU A 1 97  ? 7.090   -7.364  1.122   1.00 65.75  ? 77  LEU A CD2 1 
ATOM   529 N N   . ASN A 1 98  ? 8.702   -9.535  5.096   1.00 65.41  ? 78  ASN A N   1 
ATOM   530 C CA  . ASN A 1 98  ? 8.953   -10.032 6.443   1.00 63.73  ? 78  ASN A CA  1 
ATOM   531 C C   . ASN A 1 98  ? 7.672   -9.833  7.265   1.00 62.24  ? 78  ASN A C   1 
ATOM   532 O O   . ASN A 1 98  ? 6.798   -9.054  6.876   1.00 62.71  ? 78  ASN A O   1 
ATOM   533 C CB  . ASN A 1 98  ? 10.135  -9.287  7.080   1.00 60.69  ? 78  ASN A CB  1 
ATOM   534 C CG  . ASN A 1 98  ? 9.858   -7.806  7.295   1.00 61.15  ? 78  ASN A CG  1 
ATOM   535 O OD1 . ASN A 1 98  ? 8.707   -7.366  7.301   1.00 61.06  ? 78  ASN A OD1 1 
ATOM   536 N ND2 . ASN A 1 98  ? 10.922  -7.027  7.480   1.00 58.49  ? 78  ASN A ND2 1 
ATOM   537 N N   . GLU A 1 99  ? 7.558   -10.540 8.386   1.00 59.30  ? 79  GLU A N   1 
ATOM   538 C CA  . GLU A 1 99  ? 6.375   -10.443 9.240   1.00 55.77  ? 79  GLU A CA  1 
ATOM   539 C C   . GLU A 1 99  ? 5.880   -9.011  9.432   1.00 49.95  ? 79  GLU A C   1 
ATOM   540 O O   . GLU A 1 99  ? 4.703   -8.720  9.225   1.00 46.43  ? 79  GLU A O   1 
ATOM   541 C CB  . GLU A 1 99  ? 6.661   -11.063 10.610  1.00 61.38  ? 79  GLU A CB  1 
ATOM   542 C CG  . GLU A 1 99  ? 5.438   -11.175 11.515  1.00 70.48  ? 79  GLU A CG  1 
ATOM   543 C CD  . GLU A 1 99  ? 5.661   -12.112 12.694  1.00 76.78  ? 79  GLU A CD  1 
ATOM   544 O OE1 . GLU A 1 99  ? 6.691   -12.822 12.709  1.00 78.62  ? 79  GLU A OE1 1 
ATOM   545 O OE2 . GLU A 1 99  ? 4.807   -12.140 13.608  1.00 79.56  ? 79  GLU A OE2 1 
ATOM   546 N N   . ASN A 1 100 ? 6.787   -8.125  9.825   1.00 45.66  ? 80  ASN A N   1 
ATOM   547 C CA  . ASN A 1 100 ? 6.463   -6.723  10.063  1.00 46.77  ? 80  ASN A CA  1 
ATOM   548 C C   . ASN A 1 100 ? 5.858   -5.980  8.873   1.00 44.98  ? 80  ASN A C   1 
ATOM   549 O O   . ASN A 1 100 ? 5.013   -5.105  9.048   1.00 43.91  ? 80  ASN A O   1 
ATOM   550 C CB  . ASN A 1 100 ? 7.713   -5.979  10.536  1.00 52.03  ? 80  ASN A CB  1 
ATOM   551 C CG  . ASN A 1 100 ? 8.064   -6.296  11.977  1.00 55.58  ? 80  ASN A CG  1 
ATOM   552 O OD1 . ASN A 1 100 ? 8.921   -5.644  12.580  1.00 53.08  ? 80  ASN A OD1 1 
ATOM   553 N ND2 . ASN A 1 100 ? 7.399   -7.305  12.538  1.00 55.96  ? 80  ASN A ND2 1 
ATOM   554 N N   . GLN A 1 101 ? 6.288   -6.324  7.665   1.00 43.79  ? 81  GLN A N   1 
ATOM   555 C CA  . GLN A 1 101 ? 5.774   -5.657  6.477   1.00 41.65  ? 81  GLN A CA  1 
ATOM   556 C C   . GLN A 1 101 ? 4.403   -6.153  6.055   1.00 39.20  ? 81  GLN A C   1 
ATOM   557 O O   . GLN A 1 101 ? 3.541   -5.357  5.689   1.00 39.09  ? 81  GLN A O   1 
ATOM   558 C CB  . GLN A 1 101 ? 6.763   -5.808  5.334   1.00 41.54  ? 81  GLN A CB  1 
ATOM   559 C CG  . GLN A 1 101 ? 7.952   -4.891  5.485   1.00 42.79  ? 81  GLN A CG  1 
ATOM   560 C CD  . GLN A 1 101 ? 9.117   -5.351  4.651   1.00 46.82  ? 81  GLN A CD  1 
ATOM   561 O OE1 . GLN A 1 101 ? 9.010   -6.338  3.928   1.00 49.54  ? 81  GLN A OE1 1 
ATOM   562 N NE2 . GLN A 1 101 ? 10.242  -4.641  4.744   1.00 49.34  ? 81  GLN A NE2 1 
ATOM   563 N N   . SER A 1 102 ? 4.196   -7.466  6.102   1.00 40.44  ? 82  SER A N   1 
ATOM   564 C CA  . SER A 1 102 ? 2.898   -8.034  5.737   1.00 43.94  ? 82  SER A CA  1 
ATOM   565 C C   . SER A 1 102 ? 1.833   -7.571  6.731   1.00 44.86  ? 82  SER A C   1 
ATOM   566 O O   . SER A 1 102 ? 0.669   -7.393  6.368   1.00 48.13  ? 82  SER A O   1 
ATOM   567 C CB  . SER A 1 102 ? 2.959   -9.556  5.741   1.00 40.53  ? 82  SER A CB  1 
ATOM   568 O OG  . SER A 1 102 ? 4.144   -9.989  6.368   1.00 48.09  ? 82  SER A OG  1 
ATOM   569 N N   . LYS A 1 103 ? 2.238   -7.378  7.983   1.00 42.38  ? 83  LYS A N   1 
ATOM   570 C CA  . LYS A 1 103 ? 1.315   -6.925  9.012   1.00 41.98  ? 83  LYS A CA  1 
ATOM   571 C C   . LYS A 1 103 ? 0.960   -5.478  8.754   1.00 37.93  ? 83  LYS A C   1 
ATOM   572 O O   . LYS A 1 103 ? -0.162  -5.052  9.025   1.00 38.79  ? 83  LYS A O   1 
ATOM   573 C CB  . LYS A 1 103 ? 1.939   -7.071  10.402  1.00 47.86  ? 83  LYS A CB  1 
ATOM   574 C CG  . LYS A 1 103 ? 1.814   -8.475  10.991  1.00 56.82  ? 83  LYS A CG  1 
ATOM   575 C CD  . LYS A 1 103 ? 1.777   -8.442  12.512  1.00 66.36  ? 83  LYS A CD  1 
ATOM   576 C CE  . LYS A 1 103 ? 3.144   -8.755  13.108  1.00 70.34  ? 83  LYS A CE  1 
ATOM   577 N NZ  . LYS A 1 103 ? 3.712   -7.585  13.843  1.00 75.12  ? 83  LYS A NZ  1 
ATOM   578 N N   . LYS A 1 104 ? 1.920   -4.721  8.231   1.00 38.56  ? 84  LYS A N   1 
ATOM   579 C CA  . LYS A 1 104 ? 1.688   -3.314  7.914   1.00 37.22  ? 84  LYS A CA  1 
ATOM   580 C C   . LYS A 1 104 ? 0.699   -3.258  6.751   1.00 33.45  ? 84  LYS A C   1 
ATOM   581 O O   . LYS A 1 104 ? -0.194  -2.413  6.723   1.00 31.86  ? 84  LYS A O   1 
ATOM   582 C CB  . LYS A 1 104 ? 2.996   -2.634  7.510   1.00 35.22  ? 84  LYS A CB  1 
ATOM   583 C CG  . LYS A 1 104 ? 3.512   -1.625  8.511   1.00 37.48  ? 84  LYS A CG  1 
ATOM   584 C CD  . LYS A 1 104 ? 2.458   -0.598  8.872   1.00 40.22  ? 84  LYS A CD  1 
ATOM   585 C CE  . LYS A 1 104 ? 2.986   0.388   9.903   1.00 41.96  ? 84  LYS A CE  1 
ATOM   586 N NZ  . LYS A 1 104 ? 2.362   0.218   11.244  1.00 38.80  ? 84  LYS A NZ  1 
ATOM   587 N N   . LEU A 1 105 ? 0.865   -4.174  5.801   1.00 35.06  ? 85  LEU A N   1 
ATOM   588 C CA  . LEU A 1 105 ? -0.016  -4.254  4.642   1.00 42.13  ? 85  LEU A CA  1 
ATOM   589 C C   . LEU A 1 105 ? -1.437  -4.638  5.069   1.00 46.85  ? 85  LEU A C   1 
ATOM   590 O O   . LEU A 1 105 ? -2.409  -3.971  4.699   1.00 47.76  ? 85  LEU A O   1 
ATOM   591 C CB  . LEU A 1 105 ? 0.518   -5.288  3.645   1.00 42.02  ? 85  LEU A CB  1 
ATOM   592 C CG  . LEU A 1 105 ? 1.337   -4.776  2.451   1.00 45.89  ? 85  LEU A CG  1 
ATOM   593 C CD1 . LEU A 1 105 ? 1.478   -5.890  1.410   1.00 38.11  ? 85  LEU A CD1 1 
ATOM   594 C CD2 . LEU A 1 105 ? 0.665   -3.547  1.839   1.00 41.12  ? 85  LEU A CD2 1 
ATOM   595 N N   . LYS A 1 106 ? -1.547  -5.716  5.848   1.00 49.47  ? 86  LYS A N   1 
ATOM   596 C CA  . LYS A 1 106 ? -2.838  -6.206  6.341   1.00 45.70  ? 86  LYS A CA  1 
ATOM   597 C C   . LYS A 1 106 ? -3.533  -5.115  7.145   1.00 44.15  ? 86  LYS A C   1 
ATOM   598 O O   . LYS A 1 106 ? -4.757  -4.958  7.090   1.00 42.82  ? 86  LYS A O   1 
ATOM   599 C CB  . LYS A 1 106 ? -2.634  -7.450  7.218   1.00 49.84  ? 86  LYS A CB  1 
ATOM   600 C CG  . LYS A 1 106 ? -2.135  -8.674  6.454   1.00 54.30  ? 86  LYS A CG  1 
ATOM   601 C CD  . LYS A 1 106 ? -2.184  -9.944  7.297   1.00 57.27  ? 86  LYS A CD  1 
ATOM   602 C CE  . LYS A 1 106 ? -0.797  -10.309 7.827   1.00 61.27  ? 86  LYS A CE  1 
ATOM   603 N NZ  . LYS A 1 106 ? -0.499  -11.768 7.734   1.00 59.54  ? 86  LYS A NZ  1 
ATOM   604 N N   . GLU A 1 107 ? -2.734  -4.362  7.893   1.00 42.45  ? 87  GLU A N   1 
ATOM   605 C CA  . GLU A 1 107 ? -3.233  -3.268  8.708   1.00 43.18  ? 87  GLU A CA  1 
ATOM   606 C C   . GLU A 1 107 ? -3.758  -2.167  7.770   1.00 45.24  ? 87  GLU A C   1 
ATOM   607 O O   . GLU A 1 107 ? -4.652  -1.392  8.122   1.00 41.90  ? 87  GLU A O   1 
ATOM   608 C CB  . GLU A 1 107 ? -2.093  -2.760  9.591   1.00 43.29  ? 87  GLU A CB  1 
ATOM   609 C CG  . GLU A 1 107 ? -2.267  -1.379  10.179  1.00 52.09  ? 87  GLU A CG  1 
ATOM   610 C CD  . GLU A 1 107 ? -1.021  -0.924  10.928  1.00 57.35  ? 87  GLU A CD  1 
ATOM   611 O OE1 . GLU A 1 107 ? -1.009  0.208   11.467  1.00 57.14  ? 87  GLU A OE1 1 
ATOM   612 O OE2 . GLU A 1 107 ? -0.050  -1.714  10.973  1.00 60.74  ? 87  GLU A OE2 1 
ATOM   613 N N   . LEU A 1 108 ? -3.205  -2.114  6.563   1.00 45.73  ? 88  LEU A N   1 
ATOM   614 C CA  . LEU A 1 108 ? -3.634  -1.127  5.582   1.00 44.18  ? 88  LEU A CA  1 
ATOM   615 C C   . LEU A 1 108 ? -5.010  -1.530  5.053   1.00 44.40  ? 88  LEU A C   1 
ATOM   616 O O   . LEU A 1 108 ? -5.947  -0.727  5.071   1.00 44.58  ? 88  LEU A O   1 
ATOM   617 C CB  . LEU A 1 108 ? -2.620  -1.045  4.434   1.00 40.25  ? 88  LEU A CB  1 
ATOM   618 C CG  . LEU A 1 108 ? -2.912  -0.086  3.275   1.00 35.76  ? 88  LEU A CG  1 
ATOM   619 C CD1 . LEU A 1 108 ? -3.036  1.354   3.771   1.00 31.19  ? 88  LEU A CD1 1 
ATOM   620 C CD2 . LEU A 1 108 ? -1.799  -0.209  2.266   1.00 36.74  ? 88  LEU A CD2 1 
ATOM   621 N N   . MET A 1 109 ? -5.128  -2.775  4.595   1.00 46.75  ? 89  MET A N   1 
ATOM   622 C CA  . MET A 1 109 ? -6.397  -3.287  4.071   1.00 52.27  ? 89  MET A CA  1 
ATOM   623 C C   . MET A 1 109 ? -7.490  -3.217  5.139   1.00 55.66  ? 89  MET A C   1 
ATOM   624 O O   . MET A 1 109 ? -8.655  -2.950  4.844   1.00 56.63  ? 89  MET A O   1 
ATOM   625 C CB  . MET A 1 109 ? -6.228  -4.734  3.602   1.00 50.97  ? 89  MET A CB  1 
ATOM   626 C CG  . MET A 1 109 ? -5.979  -4.886  2.115   1.00 56.28  ? 89  MET A CG  1 
ATOM   627 S SD  . MET A 1 109 ? -4.740  -3.734  1.453   1.00 69.25  ? 89  MET A SD  1 
ATOM   628 C CE  . MET A 1 109 ? -5.786  -2.606  0.522   1.00 57.50  ? 89  MET A CE  1 
ATOM   629 N N   . SER A 1 110 ? -7.098  -3.458  6.384   1.00 59.45  ? 90  SER A N   1 
ATOM   630 C CA  . SER A 1 110 ? -8.023  -3.421  7.507   1.00 61.47  ? 90  SER A CA  1 
ATOM   631 C C   . SER A 1 110 ? -8.695  -2.065  7.674   1.00 63.60  ? 90  SER A C   1 
ATOM   632 O O   . SER A 1 110 ? -9.711  -1.968  8.356   1.00 66.13  ? 90  SER A O   1 
ATOM   633 C CB  . SER A 1 110 ? -7.296  -3.764  8.807   1.00 64.77  ? 90  SER A CB  1 
ATOM   634 O OG  . SER A 1 110 ? -7.312  -2.658  9.702   1.00 61.77  ? 90  SER A OG  1 
ATOM   635 N N   . ILE A 1 111 ? -8.130  -1.015  7.086   1.00 65.55  ? 91  ILE A N   1 
ATOM   636 C CA  . ILE A 1 111 ? -8.742  0.303   7.216   1.00 67.12  ? 91  ILE A CA  1 
ATOM   637 C C   . ILE A 1 111 ? -10.053 0.273   6.444   1.00 74.35  ? 91  ILE A C   1 
ATOM   638 O O   . ILE A 1 111 ? -11.055 0.864   6.866   1.00 75.37  ? 91  ILE A O   1 
ATOM   639 C CB  . ILE A 1 111 ? -7.833  1.417   6.668   1.00 59.61  ? 91  ILE A CB  1 
ATOM   640 C CG1 . ILE A 1 111 ? -6.655  1.621   7.615   1.00 54.89  ? 91  ILE A CG1 1 
ATOM   641 C CG2 . ILE A 1 111 ? -8.609  2.721   6.555   1.00 52.37  ? 91  ILE A CG2 1 
ATOM   642 C CD1 . ILE A 1 111 ? -5.597  2.552   7.078   1.00 57.48  ? 91  ILE A CD1 1 
ATOM   643 N N   . SER A 1 112 ? -10.027 -0.433  5.315   1.00 80.44  ? 92  SER A N   1 
ATOM   644 C CA  . SER A 1 112 ? -11.183 -0.624  4.437   1.00 87.06  ? 92  SER A CA  1 
ATOM   645 C C   . SER A 1 112 ? -10.718 -0.961  3.028   1.00 86.67  ? 92  SER A C   1 
ATOM   646 O O   . SER A 1 112 ? -10.849 -2.140  2.635   1.00 86.24  ? 92  SER A O   1 
ATOM   647 C CB  . SER A 1 112 ? -12.101 0.617   4.405   1.00 90.29  ? 92  SER A CB  1 
ATOM   648 O OG  . SER A 1 112 ? -11.431 1.777   3.938   1.00 93.49  ? 92  SER A OG  1 
HETATM 649 O O   . HOH B 2 .   ? -4.333  13.196  2.027   1.00 30.35  ? 201 HOH A O   1 
HETATM 650 O O   . HOH B 2 .   ? -8.567  8.815   -3.121  1.00 33.33  ? 202 HOH A O   1 
HETATM 651 O O   . HOH B 2 .   ? -15.775 7.256   -3.873  1.00 37.27  ? 203 HOH A O   1 
HETATM 652 O O   . HOH B 2 .   ? -2.066  14.883  2.730   1.00 40.13  ? 204 HOH A O   1 
HETATM 653 O O   . HOH B 2 .   ? 11.173  5.558   -0.714  1.00 39.85  ? 205 HOH A O   1 
HETATM 654 O O   . HOH B 2 .   ? -3.134  -6.202  0.802   1.00 41.29  ? 206 HOH A O   1 
HETATM 655 O O   . HOH B 2 .   ? -13.915 6.148   -9.740  1.00 45.01  ? 207 HOH A O   1 
HETATM 656 O O   . HOH B 2 .   ? -12.520 -4.195  2.700   1.00 47.42  ? 208 HOH A O   1 
HETATM 657 O O   . HOH B 2 .   ? 6.425   8.511   0.582   1.00 44.54  ? 209 HOH A O   1 
HETATM 658 O O   . HOH B 2 .   ? 2.917   11.005  -3.361  1.00 40.99  ? 210 HOH A O   1 
HETATM 659 O O   . HOH B 2 .   ? -1.866  3.501   -11.893 1.00 51.05  ? 211 HOH A O   1 
HETATM 660 O O   . HOH B 2 .   ? -3.789  -5.836  11.356  1.00 50.33  ? 212 HOH A O   1 
HETATM 661 O O   . HOH B 2 .   ? 15.005  -9.127  -8.960  1.00 47.83  ? 213 HOH A O   1 
HETATM 662 O O   . HOH B 2 .   ? -8.477  4.921   -7.438  1.00 50.63  ? 214 HOH A O   1 
HETATM 663 O O   . HOH B 2 .   ? 4.490   10.714  1.786   1.00 52.92  ? 215 HOH A O   1 
HETATM 664 O O   . HOH B 2 .   ? -16.640 6.825   3.042   1.00 49.43  ? 216 HOH A O   1 
HETATM 665 O O   . HOH B 2 .   ? 9.677   -12.953 8.034   1.00 53.11  ? 217 HOH A O   1 
HETATM 666 O O   . HOH B 2 .   ? 2.028   10.766  3.989   1.00 52.87  ? 218 HOH A O   1 
HETATM 667 O O   . HOH B 2 .   ? 12.125  9.031   5.114   1.00 56.10  ? 219 HOH A O   1 
HETATM 668 O O   . HOH B 2 .   ? -16.225 11.458  14.525  1.00 52.09  ? 220 HOH A O   1 
HETATM 669 O O   . HOH B 2 .   ? -7.131  -9.119  -2.402  1.00 48.92  ? 221 HOH A O   1 
HETATM 670 O O   . HOH B 2 .   ? -9.316  -7.141  3.727   1.00 57.03  ? 222 HOH A O   1 
HETATM 671 O O   . HOH B 2 .   ? -3.668  16.710  10.794  1.00 46.98  ? 223 HOH A O   1 
HETATM 672 O O   . HOH B 2 .   ? -9.803  -1.019  -10.661 1.00 55.08  ? 224 HOH A O   1 
HETATM 673 O O   . HOH B 2 .   ? 13.006  -4.959  0.399   1.00 52.89  ? 225 HOH A O   1 
HETATM 674 O O   . HOH B 2 .   ? -9.770  -15.723 4.953   1.00 52.11  ? 226 HOH A O   1 
HETATM 675 O O   . HOH B 2 .   ? 13.752  -20.560 -0.335  1.00 50.77  ? 227 HOH A O   1 
HETATM 676 O O   . HOH B 2 .   ? -0.227  12.935  5.070   1.00 59.65  ? 228 HOH A O   1 
HETATM 677 O O   . HOH B 2 .   ? -12.303 -4.798  5.674   1.00 54.57  ? 229 HOH A O   1 
HETATM 678 O O   . HOH B 2 .   ? -3.516  11.591  -8.445  1.00 56.36  ? 230 HOH A O   1 
HETATM 679 O O   . HOH B 2 .   ? 16.548  1.934   -1.303  1.00 57.71  ? 231 HOH A O   1 
HETATM 680 O O   . HOH B 2 .   ? -13.320 -1.939  5.379   1.00 57.14  ? 232 HOH A O   1 
HETATM 681 O O   . HOH B 2 .   ? 3.766   -2.547  -10.409 1.00 51.01  ? 233 HOH A O   1 
HETATM 682 O O   . HOH B 2 .   ? 6.628   -5.386  14.955  1.00 57.90  ? 234 HOH A O   1 
HETATM 683 O O   . HOH B 2 .   ? 16.091  -9.804  -16.578 1.00 58.56  ? 235 HOH A O   1 
HETATM 684 O O   . HOH B 2 .   ? 9.884   -11.799 -16.252 1.00 69.22  ? 236 HOH A O   1 
HETATM 685 O O   . HOH B 2 .   ? -18.631 2.204   11.581  0.50 62.93  ? 237 HOH A O   1 
HETATM 686 O O   . HOH B 2 .   ? -0.416  -13.476 3.580   1.00 61.57  ? 238 HOH A O   1 
HETATM 687 O O   . HOH B 2 .   ? -17.192 2.734   5.490   1.00 66.69  ? 239 HOH A O   1 
HETATM 688 O O   . HOH B 2 .   ? -5.836  -19.471 3.311   0.50 63.91  ? 240 HOH A O   1 
HETATM 689 O O   . HOH B 2 .   ? -0.337  -0.290  -11.991 1.00 61.71  ? 241 HOH A O   1 
HETATM 690 O O   . HOH B 2 .   ? -15.659 6.712   15.366  1.00 63.97  ? 242 HOH A O   1 
HETATM 691 O O   . HOH B 2 .   ? -14.924 6.681   10.395  1.00 70.31  ? 243 HOH A O   1 
HETATM 692 O O   . HOH B 2 .   ? -0.159  -16.890 -11.015 1.00 65.87  ? 244 HOH A O   1 
HETATM 693 O O   . HOH B 2 .   ? 11.813  -4.501  7.437   1.00 63.63  ? 245 HOH A O   1 
HETATM 694 O O   . HOH B 2 .   ? 1.478   2.602   11.107  1.00 65.30  ? 246 HOH A O   1 
HETATM 695 O O   . HOH B 2 .   ? -6.040  -22.668 -0.092  1.00 62.84  ? 247 HOH A O   1 
HETATM 696 O O   . HOH B 2 .   ? -0.109  1.010   -9.718  1.00 62.49  ? 248 HOH A O   1 
HETATM 697 O O   . HOH B 2 .   ? -6.143  3.645   -12.955 1.00 70.66  ? 249 HOH A O   1 
HETATM 698 O O   . HOH B 2 .   ? 15.821  -3.926  -15.383 1.00 61.63  ? 250 HOH A O   1 
HETATM 699 O O   . HOH B 2 .   ? 0.454   -16.168 1.583   1.00 78.88  ? 251 HOH A O   1 
HETATM 700 O O   . HOH B 2 .   ? -9.594  -9.878  -3.919  1.00 65.09  ? 252 HOH A O   1 
HETATM 701 O O   . HOH B 2 .   ? 11.832  11.323  6.679   1.00 65.42  ? 253 HOH A O   1 
HETATM 702 O O   . HOH B 2 .   ? 0.748   21.339  -0.058  1.00 70.81  ? 254 HOH A O   1 
HETATM 703 O O   . HOH B 2 .   ? -12.176 4.305   -12.894 1.00 74.34  ? 255 HOH A O   1 
HETATM 704 O O   . HOH B 2 .   ? 2.746   -11.687 8.949   1.00 71.49  ? 256 HOH A O   1 
HETATM 705 O O   . HOH B 2 .   ? 15.595  -20.500 4.608   1.00 68.41  ? 257 HOH A O   1 
HETATM 706 O O   . HOH B 2 .   ? 2.505   17.431  4.611   1.00 62.09  ? 258 HOH A O   1 
HETATM 707 O O   . HOH B 2 .   ? 1.442   -4.693  -10.644 1.00 72.10  ? 259 HOH A O   1 
HETATM 708 O O   . HOH B 2 .   ? 1.923   -23.976 -6.068  1.00 70.65  ? 260 HOH A O   1 
HETATM 709 O O   . HOH B 2 .   ? 15.554  -9.998  -5.227  1.00 79.36  ? 261 HOH A O   1 
HETATM 710 O O   . HOH B 2 .   ? -3.219  -22.170 -5.519  1.00 76.76  ? 262 HOH A O   1 
HETATM 711 O O   . HOH B 2 .   ? 8.137   -23.422 1.980   0.50 79.37  ? 263 HOH A O   1 
HETATM 712 O O   . HOH B 2 .   ? -0.230  11.941  10.200  1.00 82.02  ? 264 HOH A O   1 
HETATM 713 O O   . HOH B 2 .   ? 0.479   15.725  -3.953  1.00 65.32  ? 265 HOH A O   1 
HETATM 714 O O   . HOH B 2 .   ? 3.221   -15.940 2.353   1.00 76.40  ? 266 HOH A O   1 
HETATM 715 O O   . HOH B 2 .   ? 5.148   -21.615 -3.895  1.00 77.39  ? 267 HOH A O   1 
HETATM 716 O O   . HOH B 2 .   ? -4.625  -19.257 -0.025  1.00 81.31  ? 268 HOH A O   1 
HETATM 717 O O   . HOH B 2 .   ? 7.021   -19.518 5.426   1.00 78.28  ? 269 HOH A O   1 
HETATM 718 O O   . HOH B 2 .   ? -13.177 0.627   12.466  1.00 73.41  ? 270 HOH A O   1 
HETATM 719 O O   . HOH B 2 .   ? 5.332   -15.784 -4.902  1.00 79.34  ? 271 HOH A O   1 
HETATM 720 O O   . HOH B 2 .   ? -4.193  -15.464 -3.554  1.00 74.24  ? 272 HOH A O   1 
HETATM 721 O O   . HOH B 2 .   ? 3.549   -12.118 -20.162 1.00 80.15  ? 273 HOH A O   1 
HETATM 722 O O   . HOH B 2 .   ? -1.706  6.645   12.579  1.00 79.10  ? 274 HOH A O   1 
HETATM 723 O O   . HOH B 2 .   ? 5.616   7.130   -6.843  1.00 73.98  ? 275 HOH A O   1 
HETATM 724 O O   . HOH B 2 .   ? -6.284  -8.761  -13.829 1.00 78.45  ? 276 HOH A O   1 
HETATM 725 O O   . HOH B 2 .   ? -5.960  -8.565  5.633   1.00 77.43  ? 277 HOH A O   1 
HETATM 726 O O   . HOH B 2 .   ? 7.112   12.694  8.409   1.00 83.36  ? 278 HOH A O   1 
HETATM 727 O O   . HOH B 2 .   ? 12.117  -4.211  -11.411 1.00 66.24  ? 279 HOH A O   1 
HETATM 728 O O   . HOH B 2 .   ? 4.439   -26.594 0.147   1.00 82.61  ? 280 HOH A O   1 
HETATM 729 O O   . HOH B 2 .   ? -2.100  -25.800 0.896   0.50 81.08  ? 281 HOH A O   1 
HETATM 730 O O   . HOH B 2 .   ? 6.459   6.619   -3.923  1.00 82.09  ? 282 HOH A O   1 
HETATM 731 O O   . HOH B 2 .   ? -5.163  -14.251 2.047   1.00 80.30  ? 283 HOH A O   1 
HETATM 732 O O   . HOH B 2 .   ? -18.427 7.426   -1.789  0.50 82.49  ? 284 HOH A O   1 
HETATM 733 O O   . HOH B 2 .   ? -10.973 -5.419  9.156   1.00 82.14  ? 285 HOH A O   1 
HETATM 734 O O   . HOH B 2 .   ? -4.470  -10.617 4.381   1.00 84.08  ? 286 HOH A O   1 
HETATM 735 O O   . HOH B 2 .   ? 1.815   -12.021 0.293   1.00 84.18  ? 287 HOH A O   1 
HETATM 736 O O   . HOH B 2 .   ? 2.909   -7.613  -14.157 1.00 82.15  ? 288 HOH A O   1 
HETATM 737 O O   . HOH B 2 .   ? 9.278   -14.252 -11.836 1.00 79.14  ? 289 HOH A O   1 
HETATM 738 O O   . HOH B 2 .   ? 12.386  -16.108 3.413   1.00 93.41  ? 290 HOH A O   1 
HETATM 739 O O   . HOH B 2 .   ? 2.144   -16.215 -14.413 1.00 95.35  ? 291 HOH A O   1 
HETATM 740 O O   . HOH B 2 .   ? 3.960   -15.919 6.494   1.00 98.32  ? 292 HOH A O   1 
HETATM 741 O O   . HOH B 2 .   ? -8.011  -6.294  6.763   1.00 76.73  ? 293 HOH A O   1 
HETATM 742 O O   . HOH B 2 .   ? 2.226   -14.167 -1.090  1.00 60.96  ? 294 HOH A O   1 
# 
